data_4OYH
#
_entry.id   4OYH
#
_cell.length_a   225.528
_cell.length_b   42.107
_cell.length_c   93.620
_cell.angle_alpha   90.00
_cell.angle_beta   100.99
_cell.angle_gamma   90.00
#
_symmetry.space_group_name_H-M   'C 1 2 1'
#
loop_
_entity.id
_entity.type
_entity.pdbx_description
1 polymer 'Molybdopterin-guanine dinucleotide biosynthesis protein B'
2 non-polymer 'SULFATE ION'
3 water water
#
_entity_poly.entity_id   1
_entity_poly.type   'polypeptide(L)'
_entity_poly.pdbx_seq_one_letter_code
;MASMALVRPFPIVQVVGFQNSGKTTFIERILEKASEQGLNLGCLKHHGHGGEPQTFTEGKDTDRYQAAGADVTAVEGAGV
LQLTARRLWDLTRLIELYQFLETDCLLIEGFKKAPYPKVVILSEKEDLEALKTVNTIAIIYRKKEHMTEHQGLPIFHADD
PVAVDLVLSQLKGESA
;
_entity_poly.pdbx_strand_id   A,B,C,D,E
#
# COMPACT_ATOMS: atom_id res chain seq x y z
N PHE A 10 -0.16 -13.96 9.72
CA PHE A 10 -0.40 -13.60 11.12
C PHE A 10 -0.85 -12.11 11.17
N PRO A 11 -2.16 -11.87 11.06
CA PRO A 11 -2.65 -10.48 10.91
C PRO A 11 -2.36 -9.57 12.11
N ILE A 12 -2.09 -8.30 11.81
CA ILE A 12 -1.62 -7.29 12.73
C ILE A 12 -2.28 -5.96 12.39
N VAL A 13 -2.93 -5.38 13.37
CA VAL A 13 -3.31 -3.99 13.25
C VAL A 13 -2.85 -3.20 14.44
N GLN A 14 -2.42 -1.98 14.16
CA GLN A 14 -2.03 -1.08 15.22
C GLN A 14 -3.02 0.08 15.42
N VAL A 15 -2.99 0.61 16.62
CA VAL A 15 -3.65 1.86 16.97
C VAL A 15 -2.65 2.86 17.53
N VAL A 16 -2.56 4.01 16.88
CA VAL A 16 -1.63 5.06 17.23
C VAL A 16 -2.37 6.38 17.33
N GLY A 17 -1.86 7.26 18.19
CA GLY A 17 -2.56 8.47 18.60
C GLY A 17 -1.88 9.00 19.87
N PHE A 18 -1.81 10.33 20.01
CA PHE A 18 -1.37 10.99 21.26
C PHE A 18 -2.18 10.53 22.47
N GLN A 19 -1.59 10.71 23.64
CA GLN A 19 -2.27 10.45 24.91
C GLN A 19 -3.61 11.13 24.94
N ASN A 20 -4.61 10.41 25.46
CA ASN A 20 -5.97 10.92 25.63
C ASN A 20 -6.75 11.16 24.33
N SER A 21 -6.36 10.46 23.27
CA SER A 21 -7.13 10.41 22.02
C SER A 21 -8.39 9.50 22.04
N GLY A 22 -8.48 8.62 23.02
CA GLY A 22 -9.48 7.57 23.01
C GLY A 22 -8.93 6.23 22.58
N LYS A 23 -7.61 6.04 22.67
CA LYS A 23 -7.03 4.79 22.15
C LYS A 23 -7.53 3.58 22.91
N THR A 24 -7.51 3.59 24.25
CA THR A 24 -7.82 2.34 24.96
C THR A 24 -9.32 2.02 24.94
N THR A 25 -10.18 3.02 24.80
CA THR A 25 -11.60 2.76 24.58
C THR A 25 -11.83 2.11 23.23
N PHE A 26 -11.25 2.67 22.19
CA PHE A 26 -11.32 2.04 20.90
C PHE A 26 -10.86 0.57 20.94
N ILE A 27 -9.68 0.33 21.50
CA ILE A 27 -9.14 -1.03 21.68
C ILE A 27 -10.10 -1.92 22.47
N GLU A 28 -10.64 -1.37 23.54
CA GLU A 28 -11.60 -2.07 24.38
C GLU A 28 -12.79 -2.56 23.59
N ARG A 29 -13.41 -1.64 22.86
CA ARG A 29 -14.47 -1.97 21.93
C ARG A 29 -14.08 -3.08 20.97
N ILE A 30 -12.90 -3.00 20.40
CA ILE A 30 -12.42 -4.06 19.51
C ILE A 30 -12.23 -5.40 20.18
N LEU A 31 -11.64 -5.40 21.37
CA LEU A 31 -11.39 -6.67 22.04
C LEU A 31 -12.69 -7.35 22.50
N GLU A 32 -13.64 -6.56 23.01
CA GLU A 32 -14.95 -7.07 23.43
C GLU A 32 -15.58 -7.78 22.25
N LYS A 33 -15.65 -7.09 21.12
CA LYS A 33 -16.27 -7.70 19.95
C LYS A 33 -15.49 -8.89 19.41
N ALA A 34 -14.19 -8.98 19.64
CA ALA A 34 -13.42 -10.16 19.22
C ALA A 34 -13.69 -11.42 20.10
N SER A 35 -13.96 -11.20 21.39
CA SER A 35 -14.37 -12.28 22.30
C SER A 35 -15.58 -13.02 21.73
N GLU A 36 -16.75 -12.38 21.74
CA GLU A 36 -17.82 -12.78 20.81
C GLU A 36 -17.12 -12.92 19.45
N GLN A 37 -17.56 -13.84 18.61
CA GLN A 37 -16.82 -14.21 17.39
C GLN A 37 -15.66 -15.16 17.68
N GLY A 38 -15.32 -15.39 18.95
CA GLY A 38 -14.34 -16.40 19.28
C GLY A 38 -12.97 -16.18 18.66
N LEU A 39 -12.78 -15.00 18.09
CA LEU A 39 -11.51 -14.62 17.50
C LEU A 39 -10.44 -14.66 18.59
N ASN A 40 -9.26 -15.14 18.25
CA ASN A 40 -8.21 -15.38 19.25
C ASN A 40 -7.04 -14.39 19.06
N LEU A 41 -7.15 -13.29 19.77
CA LEU A 41 -6.45 -12.09 19.42
C LEU A 41 -5.69 -11.57 20.64
N GLY A 42 -4.42 -11.26 20.45
CA GLY A 42 -3.57 -10.75 21.49
C GLY A 42 -3.59 -9.23 21.50
N CYS A 43 -3.05 -8.64 22.55
CA CYS A 43 -2.98 -7.21 22.69
C CYS A 43 -1.63 -6.82 23.27
N LEU A 44 -1.04 -5.81 22.67
CA LEU A 44 0.29 -5.35 23.06
C LEU A 44 0.33 -3.82 23.06
N LYS A 45 0.77 -3.31 24.19
CA LYS A 45 0.86 -1.89 24.43
C LYS A 45 2.31 -1.55 24.58
N HIS A 46 2.81 -0.62 23.78
CA HIS A 46 4.13 -0.01 24.02
C HIS A 46 4.06 1.06 25.11
N HIS A 47 5.03 1.08 26.01
CA HIS A 47 5.10 2.11 27.06
C HIS A 47 6.47 2.77 27.08
N ASP A 63 7.35 -12.75 43.47
CA ASP A 63 7.83 -12.34 42.16
C ASP A 63 8.52 -10.99 42.27
N ARG A 64 7.97 -10.15 43.16
CA ARG A 64 8.51 -8.81 43.42
C ARG A 64 9.98 -8.83 43.83
N TYR A 65 10.34 -9.50 44.91
CA TYR A 65 11.74 -9.41 45.30
C TYR A 65 12.56 -10.53 44.64
N GLN A 66 11.88 -11.38 43.89
CA GLN A 66 12.50 -12.29 42.95
C GLN A 66 13.19 -11.47 41.87
N ALA A 67 12.42 -10.51 41.37
CA ALA A 67 12.88 -9.60 40.35
C ALA A 67 14.04 -8.80 40.91
N ALA A 68 13.98 -8.48 42.20
CA ALA A 68 15.08 -7.75 42.85
C ALA A 68 16.42 -8.50 42.80
N GLY A 69 16.42 -9.67 42.15
CA GLY A 69 17.61 -10.37 41.67
C GLY A 69 17.59 -10.86 40.20
N ALA A 70 16.50 -11.48 39.70
CA ALA A 70 16.50 -12.12 38.35
C ALA A 70 15.71 -11.41 37.22
N ASP A 71 15.94 -11.89 35.99
CA ASP A 71 15.54 -11.28 34.70
C ASP A 71 14.23 -11.70 34.08
N VAL A 72 14.01 -13.01 34.12
CA VAL A 72 12.78 -13.63 33.65
C VAL A 72 12.14 -14.33 34.85
N THR A 73 11.03 -13.80 35.32
CA THR A 73 10.32 -14.36 36.50
C THR A 73 8.81 -14.46 36.23
N ALA A 74 8.14 -15.41 36.87
CA ALA A 74 6.71 -15.62 36.64
C ALA A 74 5.94 -16.33 37.75
N VAL A 75 4.62 -16.09 37.74
CA VAL A 75 3.68 -16.81 38.58
C VAL A 75 2.61 -17.45 37.73
N GLU A 76 2.29 -18.70 38.01
CA GLU A 76 1.20 -19.34 37.29
C GLU A 76 0.27 -20.07 38.21
N GLY A 77 -1.03 -20.02 37.92
CA GLY A 77 -1.99 -20.79 38.70
C GLY A 77 -3.39 -20.67 38.18
N ALA A 78 -4.08 -21.80 38.08
CA ALA A 78 -5.44 -21.85 37.53
C ALA A 78 -5.51 -21.32 36.11
N GLY A 79 -4.53 -21.68 35.28
CA GLY A 79 -4.54 -21.31 33.88
C GLY A 79 -4.17 -19.88 33.48
N VAL A 80 -3.59 -19.09 34.39
CA VAL A 80 -3.08 -17.79 33.98
C VAL A 80 -1.65 -17.55 34.46
N LEU A 81 -0.84 -17.15 33.49
CA LEU A 81 0.55 -16.87 33.65
C LEU A 81 0.71 -15.37 33.78
N GLN A 82 1.47 -14.96 34.78
CA GLN A 82 1.86 -13.56 34.94
C GLN A 82 3.36 -13.54 34.88
N LEU A 83 3.85 -12.93 33.83
CA LEU A 83 5.27 -13.04 33.50
C LEU A 83 5.90 -11.66 33.34
N THR A 84 7.07 -11.50 33.94
CA THR A 84 7.93 -10.32 33.71
C THR A 84 9.30 -10.75 33.14
N ALA A 85 9.71 -10.12 32.04
CA ALA A 85 10.91 -10.56 31.32
C ALA A 85 11.75 -9.40 30.85
N ARG A 86 12.90 -9.20 31.48
CA ARG A 86 13.90 -8.19 31.09
C ARG A 86 14.81 -8.65 29.94
N ARG A 87 14.47 -8.25 28.72
CA ARG A 87 15.31 -8.47 27.54
C ARG A 87 15.43 -7.20 26.71
N LEU A 88 16.24 -7.30 25.68
CA LEU A 88 16.35 -6.24 24.72
C LEU A 88 15.28 -6.52 23.69
N TRP A 89 14.05 -6.17 24.06
CA TRP A 89 12.86 -6.37 23.25
C TRP A 89 12.80 -5.39 22.11
N ASP A 90 12.50 -5.90 20.93
CA ASP A 90 12.02 -5.08 19.86
C ASP A 90 10.74 -5.75 19.40
N LEU A 91 10.01 -5.08 18.49
CA LEU A 91 8.67 -5.45 18.12
C LEU A 91 8.62 -6.80 17.45
N THR A 92 9.65 -7.11 16.69
CA THR A 92 9.76 -8.39 15.98
C THR A 92 9.77 -9.59 16.93
N ARG A 93 10.61 -9.52 17.94
CA ARG A 93 10.66 -10.54 18.96
C ARG A 93 9.37 -10.60 19.78
N LEU A 94 8.73 -9.45 20.01
CA LEU A 94 7.46 -9.51 20.75
C LEU A 94 6.42 -10.23 19.91
N ILE A 95 6.47 -10.08 18.59
CA ILE A 95 5.49 -10.73 17.74
C ILE A 95 5.75 -12.24 17.70
N GLU A 96 7.00 -12.65 17.65
CA GLU A 96 7.34 -14.08 17.74
C GLU A 96 6.80 -14.71 19.05
N LEU A 97 6.97 -13.98 20.13
CA LEU A 97 6.42 -14.40 21.39
C LEU A 97 4.94 -14.66 21.23
N TYR A 98 4.20 -13.76 20.58
CA TYR A 98 2.75 -13.97 20.44
C TYR A 98 2.43 -15.17 19.58
N GLN A 99 3.29 -15.45 18.60
CA GLN A 99 3.12 -16.59 17.74
C GLN A 99 3.34 -17.85 18.55
N PHE A 100 4.38 -17.86 19.37
CA PHE A 100 4.63 -18.97 20.29
C PHE A 100 3.49 -19.29 21.30
N LEU A 101 2.84 -18.27 21.85
CA LEU A 101 1.71 -18.51 22.74
C LEU A 101 0.45 -18.75 21.92
N GLU A 102 0.61 -18.85 20.60
CA GLU A 102 -0.43 -19.37 19.72
C GLU A 102 -1.68 -18.51 19.66
N THR A 103 -1.51 -17.21 19.47
CA THR A 103 -2.63 -16.32 19.19
C THR A 103 -2.89 -16.34 17.70
N ASP A 104 -4.09 -15.98 17.25
CA ASP A 104 -4.41 -15.90 15.80
C ASP A 104 -3.91 -14.62 15.14
N CYS A 105 -3.78 -13.57 15.94
CA CYS A 105 -3.58 -12.23 15.40
C CYS A 105 -3.25 -11.26 16.52
N LEU A 106 -3.00 -10.01 16.19
CA LEU A 106 -2.50 -9.09 17.21
C LEU A 106 -2.90 -7.64 16.98
N LEU A 107 -3.45 -7.09 18.06
CA LEU A 107 -3.77 -5.68 18.21
C LEU A 107 -2.64 -5.01 18.97
N ILE A 108 -2.04 -3.99 18.37
CA ILE A 108 -0.96 -3.26 19.06
C ILE A 108 -1.39 -1.81 19.34
N GLU A 109 -1.25 -1.36 20.59
CA GLU A 109 -1.32 0.07 20.89
C GLU A 109 0.11 0.65 20.82
N GLY A 110 0.36 1.64 19.95
CA GLY A 110 1.71 2.25 19.85
C GLY A 110 2.68 1.67 18.78
N PHE A 111 4.00 1.70 18.99
CA PHE A 111 5.06 1.50 17.97
C PHE A 111 4.72 2.12 16.64
N LYS A 112 4.42 3.42 16.64
CA LYS A 112 4.17 4.17 15.37
C LYS A 112 5.12 3.87 14.21
N LYS A 113 6.33 3.45 14.56
CA LYS A 113 7.44 3.32 13.63
C LYS A 113 7.37 2.01 12.89
N ALA A 114 6.57 1.08 13.41
CA ALA A 114 6.42 -0.24 12.79
C ALA A 114 5.71 -0.09 11.45
N PRO A 115 5.94 -1.04 10.53
CA PRO A 115 5.35 -1.16 9.18
C PRO A 115 3.92 -1.69 9.11
N TYR A 116 3.29 -2.07 10.21
CA TYR A 116 2.01 -2.79 10.08
C TYR A 116 0.89 -1.86 9.88
N PRO A 117 -0.20 -2.37 9.31
CA PRO A 117 -1.32 -1.47 9.04
C PRO A 117 -1.78 -0.82 10.35
N LYS A 118 -2.28 0.40 10.33
CA LYS A 118 -2.58 1.03 11.57
C LYS A 118 -3.70 1.99 11.42
N VAL A 119 -4.42 2.17 12.51
CA VAL A 119 -5.51 3.13 12.56
C VAL A 119 -4.96 4.31 13.40
N VAL A 120 -5.16 5.52 12.89
CA VAL A 120 -4.63 6.73 13.52
C VAL A 120 -5.81 7.49 14.11
N ILE A 121 -5.74 7.76 15.41
CA ILE A 121 -6.68 8.62 16.13
C ILE A 121 -6.12 10.04 16.23
N LEU A 122 -6.84 11.02 15.69
CA LEU A 122 -6.51 12.43 15.77
C LEU A 122 -7.40 13.15 16.77
N SER A 123 -6.78 13.81 17.74
CA SER A 123 -7.54 14.73 18.61
C SER A 123 -7.73 16.05 17.85
N GLU A 124 -6.76 16.41 17.03
CA GLU A 124 -6.77 17.66 16.26
C GLU A 124 -6.14 17.45 14.88
N LYS A 125 -6.61 18.20 13.89
CA LYS A 125 -6.17 18.03 12.52
C LYS A 125 -4.68 18.07 12.42
N GLU A 126 -4.03 18.77 13.34
CA GLU A 126 -2.59 18.94 13.31
C GLU A 126 -1.89 17.83 14.10
N ASP A 127 -2.66 16.87 14.60
CA ASP A 127 -2.03 15.67 15.18
C ASP A 127 -1.33 14.83 14.08
N LEU A 128 -1.97 14.71 12.92
CA LEU A 128 -1.48 13.79 11.88
C LEU A 128 -0.05 14.09 11.46
N GLU A 129 0.42 15.32 11.67
CA GLU A 129 1.77 15.71 11.30
C GLU A 129 2.81 15.02 12.15
N ALA A 130 2.80 15.27 13.45
CA ALA A 130 3.75 14.61 14.34
C ALA A 130 3.61 13.08 14.35
N LEU A 131 2.43 12.56 14.01
CA LEU A 131 2.25 11.12 13.89
C LEU A 131 2.66 10.76 12.47
N LYS A 132 3.96 10.54 12.33
CA LYS A 132 4.59 10.30 11.04
C LYS A 132 4.69 8.79 10.87
N THR A 133 4.02 8.22 9.88
CA THR A 133 4.09 6.76 9.74
C THR A 133 3.42 6.19 8.49
N VAL A 134 3.76 4.94 8.24
CA VAL A 134 3.30 4.22 7.06
C VAL A 134 2.22 3.20 7.39
N ASN A 135 1.50 2.87 6.33
CA ASN A 135 0.53 1.81 6.27
C ASN A 135 -0.70 2.15 7.06
N THR A 136 -1.11 3.40 6.91
CA THR A 136 -2.26 3.92 7.62
C THR A 136 -3.50 3.52 6.84
N ILE A 137 -4.45 2.85 7.48
CA ILE A 137 -5.60 2.30 6.72
C ILE A 137 -6.89 3.00 7.07
N ALA A 138 -6.82 3.82 8.11
CA ALA A 138 -7.96 4.66 8.47
C ALA A 138 -7.61 5.73 9.45
N ILE A 139 -8.44 6.76 9.50
CA ILE A 139 -8.32 7.80 10.48
C ILE A 139 -9.59 7.91 11.25
N ILE A 140 -9.43 7.86 12.56
CA ILE A 140 -10.45 8.32 13.49
C ILE A 140 -10.07 9.73 13.94
N TYR A 141 -10.66 10.76 13.38
CA TYR A 141 -10.37 12.06 13.93
C TYR A 141 -11.10 11.96 15.31
N ARG A 142 -10.89 12.87 16.28
CA ARG A 142 -11.73 12.82 17.52
C ARG A 142 -12.74 13.97 17.66
N LYS A 143 -12.48 15.08 16.99
CA LYS A 143 -13.42 16.20 16.94
C LYS A 143 -13.89 16.48 15.50
N LYS A 144 -14.85 15.68 15.03
CA LYS A 144 -15.06 15.43 13.58
C LYS A 144 -15.22 16.68 12.73
N GLU A 145 -15.90 17.68 13.27
CA GLU A 145 -16.19 18.85 12.48
C GLU A 145 -14.94 19.52 11.91
N HIS A 146 -13.77 19.12 12.39
CA HIS A 146 -12.50 19.73 11.98
C HIS A 146 -11.88 19.12 10.71
N MET A 147 -12.46 18.04 10.18
CA MET A 147 -11.72 17.21 9.22
C MET A 147 -11.57 17.81 7.83
N THR A 148 -10.38 18.31 7.55
CA THR A 148 -9.96 18.56 6.18
C THR A 148 -9.97 17.20 5.51
N GLU A 149 -10.52 17.11 4.30
CA GLU A 149 -10.63 15.82 3.64
C GLU A 149 -9.26 15.27 3.30
N HIS A 150 -8.98 14.04 3.75
CA HIS A 150 -7.66 13.44 3.55
C HIS A 150 -7.66 12.27 2.58
N GLN A 151 -6.87 12.47 1.55
CA GLN A 151 -6.70 11.55 0.46
C GLN A 151 -6.24 10.19 0.95
N GLY A 152 -6.79 9.15 0.35
CA GLY A 152 -6.16 7.84 0.38
C GLY A 152 -6.61 6.87 1.45
N LEU A 153 -7.64 7.21 2.20
CA LEU A 153 -8.14 6.32 3.23
C LEU A 153 -9.47 6.75 3.81
N PRO A 154 -10.17 5.82 4.47
CA PRO A 154 -11.48 6.16 5.03
C PRO A 154 -11.39 6.98 6.33
N ILE A 155 -12.42 7.78 6.62
CA ILE A 155 -12.49 8.64 7.81
C ILE A 155 -13.75 8.37 8.61
N PHE A 156 -13.61 8.17 9.92
CA PHE A 156 -14.72 7.84 10.79
C PHE A 156 -14.90 8.84 11.91
N HIS A 157 -16.08 8.86 12.55
CA HIS A 157 -16.15 9.42 13.90
C HIS A 157 -15.68 8.37 14.93
N ALA A 158 -15.20 8.88 16.06
CA ALA A 158 -14.62 8.05 17.12
C ALA A 158 -15.51 6.91 17.59
N ASP A 159 -16.82 7.13 17.60
CA ASP A 159 -17.77 6.15 18.13
C ASP A 159 -18.46 5.36 17.02
N ASP A 160 -17.98 5.50 15.80
CA ASP A 160 -18.52 4.79 14.65
C ASP A 160 -18.16 3.29 14.73
N PRO A 161 -19.18 2.41 14.78
CA PRO A 161 -18.97 0.96 14.89
C PRO A 161 -18.33 0.34 13.67
N VAL A 162 -18.50 0.96 12.52
CA VAL A 162 -17.84 0.48 11.30
C VAL A 162 -16.34 0.48 11.50
N ALA A 163 -15.83 1.49 12.23
CA ALA A 163 -14.40 1.62 12.45
C ALA A 163 -13.87 0.49 13.30
N VAL A 164 -14.61 0.02 14.30
CA VAL A 164 -14.12 -1.15 15.00
C VAL A 164 -14.31 -2.40 14.13
N ASP A 165 -15.34 -2.41 13.30
CA ASP A 165 -15.60 -3.53 12.37
C ASP A 165 -14.53 -3.57 11.28
N LEU A 166 -14.02 -2.40 10.90
CA LEU A 166 -12.98 -2.33 9.91
C LEU A 166 -11.75 -2.98 10.50
N VAL A 167 -11.51 -2.80 11.78
CA VAL A 167 -10.28 -3.36 12.33
C VAL A 167 -10.39 -4.87 12.40
N LEU A 168 -11.57 -5.36 12.73
CA LEU A 168 -11.77 -6.79 12.92
C LEU A 168 -11.69 -7.53 11.63
N SER A 169 -12.10 -6.89 10.56
CA SER A 169 -12.09 -7.57 9.28
C SER A 169 -10.65 -7.72 8.87
N GLN A 170 -9.79 -6.76 9.25
CA GLN A 170 -8.38 -6.86 8.87
C GLN A 170 -7.70 -7.87 9.75
N LEU A 171 -8.16 -8.00 10.99
CA LEU A 171 -7.58 -9.05 11.84
C LEU A 171 -8.07 -10.44 11.41
N LYS A 172 -9.13 -10.46 10.57
CA LYS A 172 -9.92 -11.65 10.11
C LYS A 172 -10.78 -12.21 11.24
N PRO B 9 39.11 1.92 -11.47
CA PRO B 9 37.74 2.43 -11.27
C PRO B 9 37.02 1.71 -10.11
N PHE B 10 35.97 2.33 -9.59
CA PHE B 10 35.18 1.69 -8.53
C PHE B 10 33.81 2.35 -8.40
N PRO B 11 32.85 1.92 -9.23
CA PRO B 11 31.53 2.55 -9.14
C PRO B 11 30.91 2.30 -7.76
N ILE B 12 30.45 3.39 -7.14
CA ILE B 12 29.73 3.38 -5.89
C ILE B 12 28.40 4.10 -6.10
N VAL B 13 27.37 3.57 -5.48
CA VAL B 13 26.08 4.25 -5.38
C VAL B 13 25.57 4.05 -3.99
N GLN B 14 24.94 5.08 -3.46
CA GLN B 14 24.38 5.01 -2.12
C GLN B 14 22.88 5.12 -2.20
N VAL B 15 22.24 4.57 -1.17
CA VAL B 15 20.83 4.62 -0.99
C VAL B 15 20.54 5.20 0.40
N VAL B 16 19.85 6.33 0.44
CA VAL B 16 19.60 7.03 1.68
C VAL B 16 18.14 7.39 1.77
N GLY B 17 17.63 7.37 2.99
CA GLY B 17 16.23 7.54 3.28
C GLY B 17 15.99 7.21 4.75
N PHE B 18 14.97 7.80 5.37
CA PHE B 18 14.66 7.43 6.75
C PHE B 18 14.02 6.05 6.83
N GLN B 19 13.80 5.60 8.04
CA GLN B 19 13.17 4.31 8.23
C GLN B 19 11.79 4.31 7.59
N ASN B 20 11.38 3.14 7.12
CA ASN B 20 10.11 2.92 6.40
C ASN B 20 10.02 3.54 4.99
N SER B 21 11.05 4.18 4.47
CA SER B 21 10.90 4.78 3.12
C SER B 21 10.88 3.71 2.02
N GLY B 22 11.33 2.49 2.31
CA GLY B 22 11.38 1.44 1.28
C GLY B 22 12.79 1.00 0.87
N LYS B 23 13.76 1.45 1.65
CA LYS B 23 15.19 1.24 1.42
C LYS B 23 15.54 -0.18 1.17
N THR B 24 15.31 -0.98 2.19
CA THR B 24 15.74 -2.37 2.13
C THR B 24 15.06 -3.11 0.98
N THR B 25 13.84 -2.73 0.61
CA THR B 25 13.19 -3.36 -0.53
C THR B 25 13.77 -2.90 -1.85
N PHE B 26 14.06 -1.61 -1.95
CA PHE B 26 14.75 -1.12 -3.11
C PHE B 26 16.11 -1.76 -3.27
N ILE B 27 16.81 -2.02 -2.17
CA ILE B 27 18.15 -2.64 -2.25
C ILE B 27 18.11 -4.14 -2.62
N GLU B 28 17.21 -4.92 -2.03
CA GLU B 28 17.00 -6.35 -2.43
C GLU B 28 16.81 -6.53 -3.93
N ARG B 29 15.92 -5.72 -4.52
CA ARG B 29 15.67 -5.65 -5.96
C ARG B 29 16.85 -5.28 -6.82
N ILE B 30 17.72 -4.40 -6.33
CA ILE B 30 18.94 -4.05 -7.06
C ILE B 30 19.87 -5.23 -7.04
N LEU B 31 20.05 -5.83 -5.86
CA LEU B 31 20.93 -6.98 -5.73
C LEU B 31 20.45 -8.25 -6.50
N GLU B 32 19.16 -8.53 -6.50
CA GLU B 32 18.64 -9.68 -7.23
C GLU B 32 18.92 -9.49 -8.71
N LYS B 33 18.61 -8.31 -9.21
CA LYS B 33 18.77 -8.09 -10.62
C LYS B 33 20.25 -7.99 -11.01
N ALA B 34 21.08 -7.51 -10.09
CA ALA B 34 22.51 -7.47 -10.32
C ALA B 34 23.07 -8.90 -10.25
N SER B 35 22.71 -9.62 -9.20
CA SER B 35 23.31 -10.93 -8.89
C SER B 35 23.06 -11.82 -10.03
N GLU B 36 21.83 -11.72 -10.47
CA GLU B 36 21.44 -12.48 -11.56
C GLU B 36 21.76 -11.74 -12.86
N GLN B 37 22.99 -11.23 -12.96
CA GLN B 37 23.40 -10.54 -14.18
C GLN B 37 24.91 -10.68 -14.37
N GLY B 38 25.54 -11.39 -13.43
CA GLY B 38 26.95 -11.70 -13.54
C GLY B 38 27.76 -10.61 -12.89
N LEU B 39 27.09 -9.76 -12.12
CA LEU B 39 27.70 -8.56 -11.57
C LEU B 39 28.15 -8.75 -10.10
N ASN B 40 29.45 -8.86 -9.83
CA ASN B 40 29.85 -9.05 -8.44
C ASN B 40 29.88 -7.70 -7.76
N LEU B 41 28.78 -7.46 -7.06
CA LEU B 41 28.46 -6.18 -6.47
C LEU B 41 28.47 -6.36 -4.98
N GLY B 42 29.26 -5.54 -4.28
CA GLY B 42 29.32 -5.58 -2.82
C GLY B 42 28.18 -4.80 -2.21
N CYS B 43 27.97 -4.95 -0.92
CA CYS B 43 26.91 -4.21 -0.23
C CYS B 43 27.36 -3.79 1.19
N LEU B 44 27.20 -2.53 1.57
CA LEU B 44 27.59 -2.08 2.94
C LEU B 44 26.48 -1.32 3.58
N LYS B 45 26.17 -1.68 4.82
CA LYS B 45 25.08 -1.03 5.53
C LYS B 45 25.61 -0.41 6.78
N HIS B 46 25.46 0.91 6.87
CA HIS B 46 25.75 1.64 8.11
C HIS B 46 24.63 1.35 9.09
N HIS B 47 24.97 0.82 10.26
CA HIS B 47 24.00 0.67 11.33
C HIS B 47 24.56 1.37 12.56
N ASP B 63 34.17 -17.42 17.05
CA ASP B 63 34.02 -16.03 16.64
C ASP B 63 33.36 -15.24 17.79
N ARG B 64 32.06 -15.49 18.02
CA ARG B 64 31.34 -14.89 19.15
C ARG B 64 32.02 -15.24 20.47
N TYR B 65 32.21 -16.55 20.66
CA TYR B 65 33.00 -17.08 21.76
C TYR B 65 34.31 -16.29 21.94
N GLN B 66 35.11 -16.26 20.88
CA GLN B 66 36.45 -15.74 20.94
C GLN B 66 36.47 -14.21 20.89
N ALA B 67 35.47 -13.59 20.25
CA ALA B 67 35.34 -12.12 20.24
C ALA B 67 35.16 -11.55 21.63
N ALA B 68 34.74 -12.39 22.57
CA ALA B 68 34.70 -12.00 23.97
C ALA B 68 36.11 -11.72 24.52
N GLY B 69 37.12 -11.86 23.65
CA GLY B 69 38.49 -11.40 23.88
C GLY B 69 39.13 -10.60 22.73
N ALA B 70 39.07 -11.11 21.50
CA ALA B 70 39.82 -10.50 20.39
C ALA B 70 39.00 -9.55 19.51
N ASP B 71 39.60 -8.44 19.10
CA ASP B 71 39.00 -7.44 18.23
C ASP B 71 38.84 -7.85 16.76
N VAL B 72 39.72 -8.70 16.22
CA VAL B 72 39.54 -9.27 14.88
C VAL B 72 39.46 -10.81 14.96
N THR B 73 38.30 -11.34 14.61
CA THR B 73 38.02 -12.79 14.65
C THR B 73 37.24 -13.25 13.42
N ALA B 74 37.59 -14.41 12.90
CA ALA B 74 36.97 -14.88 11.67
C ALA B 74 36.86 -16.40 11.60
N VAL B 75 35.80 -16.84 10.94
CA VAL B 75 35.55 -18.24 10.60
C VAL B 75 35.42 -18.40 9.09
N GLU B 76 36.18 -19.33 8.54
CA GLU B 76 36.17 -19.60 7.11
C GLU B 76 35.94 -21.08 6.88
N GLY B 77 34.96 -21.40 6.04
CA GLY B 77 34.69 -22.78 5.69
C GLY B 77 33.70 -22.94 4.56
N ALA B 78 33.94 -23.98 3.74
CA ALA B 78 33.13 -24.19 2.56
C ALA B 78 33.05 -22.89 1.77
N GLY B 79 34.17 -22.17 1.71
CA GLY B 79 34.26 -21.01 0.85
C GLY B 79 33.67 -19.71 1.35
N VAL B 80 33.09 -19.68 2.55
CA VAL B 80 32.56 -18.41 3.06
C VAL B 80 33.29 -17.95 4.35
N LEU B 81 33.80 -16.72 4.27
CA LEU B 81 34.38 -16.06 5.43
C LEU B 81 33.33 -15.22 6.16
N GLN B 82 33.25 -15.47 7.47
CA GLN B 82 32.42 -14.72 8.39
C GLN B 82 33.41 -13.97 9.28
N LEU B 83 33.47 -12.65 9.14
CA LEU B 83 34.49 -11.85 9.81
C LEU B 83 33.86 -10.83 10.79
N THR B 84 34.51 -10.63 11.94
CA THR B 84 34.20 -9.52 12.83
C THR B 84 35.48 -8.75 13.18
N ALA B 85 35.39 -7.43 13.15
CA ALA B 85 36.56 -6.60 13.30
C ALA B 85 36.17 -5.35 14.05
N ARG B 86 36.79 -5.17 15.20
CA ARG B 86 36.69 -3.94 15.95
C ARG B 86 37.85 -3.02 15.61
N ARG B 87 37.58 -2.08 14.71
CA ARG B 87 38.52 -1.01 14.35
C ARG B 87 37.76 0.28 14.52
N LEU B 88 38.46 1.41 14.46
CA LEU B 88 37.74 2.68 14.36
C LEU B 88 37.49 2.93 12.87
N TRP B 89 36.37 2.43 12.38
CA TRP B 89 36.11 2.36 10.95
C TRP B 89 35.59 3.68 10.43
N ASP B 90 35.98 4.00 9.20
CA ASP B 90 35.37 5.11 8.46
C ASP B 90 35.07 4.57 7.07
N LEU B 91 34.34 5.34 6.27
CA LEU B 91 33.90 4.89 4.95
C LEU B 91 35.07 4.62 4.01
N THR B 92 36.04 5.51 4.02
CA THR B 92 37.22 5.39 3.16
C THR B 92 37.96 4.07 3.35
N ARG B 93 38.08 3.62 4.59
CA ARG B 93 38.78 2.37 4.86
C ARG B 93 37.87 1.19 4.57
N LEU B 94 36.58 1.36 4.81
CA LEU B 94 35.63 0.32 4.49
C LEU B 94 35.69 0.10 2.99
N ILE B 95 35.74 1.21 2.26
CA ILE B 95 35.80 1.09 0.82
C ILE B 95 37.08 0.37 0.44
N GLU B 96 38.19 0.68 1.09
CA GLU B 96 39.47 0.01 0.81
C GLU B 96 39.36 -1.46 1.12
N LEU B 97 38.64 -1.78 2.20
CA LEU B 97 38.34 -3.16 2.52
C LEU B 97 37.66 -3.85 1.33
N TYR B 98 36.58 -3.27 0.80
CA TYR B 98 35.87 -3.89 -0.32
C TYR B 98 36.76 -4.02 -1.58
N GLN B 99 37.70 -3.10 -1.73
CA GLN B 99 38.55 -3.13 -2.89
C GLN B 99 39.50 -4.31 -2.74
N PHE B 100 39.96 -4.55 -1.52
CA PHE B 100 40.83 -5.68 -1.21
C PHE B 100 40.17 -7.04 -1.50
N LEU B 101 38.90 -7.19 -1.14
CA LEU B 101 38.17 -8.43 -1.42
C LEU B 101 37.82 -8.59 -2.90
N GLU B 102 38.08 -7.54 -3.68
CA GLU B 102 37.90 -7.57 -5.13
C GLU B 102 36.42 -7.58 -5.51
N THR B 103 35.65 -6.60 -5.03
CA THR B 103 34.32 -6.37 -5.58
C THR B 103 34.47 -5.45 -6.80
N ASP B 104 33.62 -5.62 -7.80
CA ASP B 104 33.63 -4.73 -8.95
C ASP B 104 33.04 -3.36 -8.64
N CYS B 105 32.09 -3.32 -7.72
CA CYS B 105 31.39 -2.08 -7.36
C CYS B 105 30.64 -2.21 -6.04
N LEU B 106 30.10 -1.11 -5.51
CA LEU B 106 29.57 -1.12 -4.16
C LEU B 106 28.31 -0.33 -4.01
N LEU B 107 27.28 -0.98 -3.46
CA LEU B 107 26.03 -0.34 -3.07
C LEU B 107 26.16 -0.07 -1.61
N ILE B 108 26.05 1.19 -1.21
CA ILE B 108 26.05 1.55 0.19
C ILE B 108 24.67 1.92 0.66
N GLU B 109 24.25 1.31 1.77
CA GLU B 109 23.06 1.76 2.46
C GLU B 109 23.46 2.76 3.57
N GLY B 110 23.04 4.00 3.41
CA GLY B 110 23.26 5.01 4.44
C GLY B 110 24.53 5.80 4.20
N PHE B 111 25.24 6.13 5.27
CA PHE B 111 26.28 7.14 5.22
C PHE B 111 25.81 8.37 4.46
N LYS B 112 24.68 8.96 4.86
CA LYS B 112 24.10 10.04 4.05
C LYS B 112 25.01 11.27 3.91
N LYS B 113 26.14 11.25 4.59
CA LYS B 113 27.03 12.40 4.63
C LYS B 113 28.23 12.28 3.68
N ALA B 114 28.56 11.06 3.24
CA ALA B 114 29.66 10.89 2.28
C ALA B 114 29.31 11.50 0.93
N PRO B 115 30.30 11.65 0.02
CA PRO B 115 30.14 12.30 -1.29
C PRO B 115 29.77 11.45 -2.51
N TYR B 116 29.59 10.15 -2.38
CA TYR B 116 29.41 9.38 -3.61
C TYR B 116 28.02 9.62 -4.16
N PRO B 117 27.83 9.33 -5.44
CA PRO B 117 26.50 9.54 -6.02
C PRO B 117 25.46 8.71 -5.32
N LYS B 118 24.28 9.27 -5.16
CA LYS B 118 23.32 8.62 -4.32
C LYS B 118 21.93 8.93 -4.72
N VAL B 119 21.09 7.96 -4.41
CA VAL B 119 19.65 7.99 -4.62
C VAL B 119 18.97 8.24 -3.27
N VAL B 120 18.04 9.17 -3.27
CA VAL B 120 17.32 9.52 -2.04
C VAL B 120 15.90 8.92 -2.02
N ILE B 121 15.59 8.12 -1.01
CA ILE B 121 14.24 7.57 -0.85
C ILE B 121 13.43 8.37 0.18
N LEU B 122 12.22 8.75 -0.20
CA LEU B 122 11.34 9.61 0.57
C LEU B 122 10.03 8.93 0.98
N SER B 123 9.83 8.72 2.28
CA SER B 123 8.57 8.17 2.78
C SER B 123 7.52 9.25 2.74
N GLU B 124 7.98 10.50 2.71
CA GLU B 124 7.14 11.67 2.87
C GLU B 124 7.77 12.82 2.11
N LYS B 125 6.93 13.75 1.66
CA LYS B 125 7.42 14.95 0.98
C LYS B 125 8.47 15.71 1.78
N GLU B 126 8.29 15.75 3.10
CA GLU B 126 9.12 16.54 4.01
C GLU B 126 10.57 16.12 4.01
N ASP B 127 10.78 14.81 3.88
CA ASP B 127 12.07 14.20 4.19
C ASP B 127 13.27 14.73 3.37
N LEU B 128 12.98 15.40 2.25
CA LEU B 128 14.01 15.85 1.31
C LEU B 128 15.03 16.89 1.86
N GLU B 129 14.56 17.94 2.53
CA GLU B 129 15.48 18.92 3.11
C GLU B 129 16.06 18.34 4.39
N ALA B 130 15.24 17.58 5.11
CA ALA B 130 15.70 16.91 6.33
C ALA B 130 16.98 16.08 6.09
N LEU B 131 17.02 15.32 5.01
CA LEU B 131 18.28 14.69 4.59
C LEU B 131 19.13 15.74 3.91
N LYS B 132 20.06 16.32 4.66
CA LYS B 132 20.98 17.31 4.08
C LYS B 132 22.14 16.55 3.47
N THR B 133 22.02 16.23 2.19
CA THR B 133 22.95 15.34 1.54
C THR B 133 23.50 15.91 0.23
N VAL B 134 24.66 15.41 -0.21
CA VAL B 134 25.29 15.89 -1.45
C VAL B 134 25.25 14.85 -2.56
N ASN B 135 25.22 15.33 -3.79
CA ASN B 135 25.52 14.51 -4.97
C ASN B 135 24.42 13.43 -5.24
N THR B 136 23.18 13.80 -4.91
CA THR B 136 22.00 13.06 -5.29
C THR B 136 21.81 13.01 -6.78
N ILE B 137 21.70 11.81 -7.33
CA ILE B 137 21.46 11.64 -8.77
C ILE B 137 20.00 11.29 -9.11
N ALA B 138 19.19 10.96 -8.10
CA ALA B 138 17.75 10.68 -8.32
C ALA B 138 16.94 10.68 -7.05
N ILE B 139 15.68 11.02 -7.18
CA ILE B 139 14.75 10.97 -6.07
C ILE B 139 13.70 9.94 -6.33
N ILE B 140 13.50 9.08 -5.33
CA ILE B 140 12.46 8.08 -5.37
C ILE B 140 11.38 8.33 -4.31
N TYR B 141 10.11 8.41 -4.72
CA TYR B 141 8.99 8.56 -3.77
C TYR B 141 8.25 7.22 -3.46
N ARG B 142 8.06 6.98 -2.17
CA ARG B 142 7.30 5.83 -1.70
C ARG B 142 5.93 5.78 -2.36
N LYS B 143 5.24 6.90 -2.43
CA LYS B 143 3.85 6.87 -2.92
C LYS B 143 3.66 7.81 -4.08
N LYS B 144 2.93 7.35 -5.10
CA LYS B 144 2.84 8.11 -6.34
C LYS B 144 2.25 9.47 -6.06
N GLU B 145 1.50 9.54 -4.96
CA GLU B 145 0.69 10.68 -4.59
C GLU B 145 1.53 11.88 -4.22
N HIS B 146 2.69 11.62 -3.60
CA HIS B 146 3.59 12.67 -3.14
C HIS B 146 4.58 13.16 -4.18
N MET B 147 4.47 12.71 -5.43
CA MET B 147 5.52 13.07 -6.36
C MET B 147 5.39 14.52 -6.77
N THR B 148 6.48 15.24 -6.62
CA THR B 148 6.56 16.62 -7.06
C THR B 148 7.85 16.76 -7.83
N GLU B 149 7.89 17.70 -8.75
CA GLU B 149 9.06 17.86 -9.59
C GLU B 149 10.19 18.46 -8.76
N HIS B 150 11.40 18.37 -9.27
CA HIS B 150 12.53 18.89 -8.55
C HIS B 150 13.60 19.23 -9.53
N GLN B 151 13.96 20.50 -9.55
CA GLN B 151 14.86 20.99 -10.58
C GLN B 151 16.20 20.26 -10.47
N GLY B 152 16.65 19.73 -11.61
CA GLY B 152 17.94 19.10 -11.72
C GLY B 152 18.00 17.58 -11.60
N LEU B 153 16.89 16.88 -11.36
CA LEU B 153 17.04 15.42 -11.21
C LEU B 153 15.79 14.58 -11.50
N PRO B 154 16.00 13.32 -11.90
CA PRO B 154 14.86 12.46 -12.20
C PRO B 154 14.07 12.16 -10.94
N ILE B 155 12.76 12.05 -11.08
CA ILE B 155 11.84 11.67 -10.00
C ILE B 155 11.24 10.31 -10.35
N PHE B 156 11.17 9.40 -9.39
CA PHE B 156 10.48 8.11 -9.59
C PHE B 156 9.54 7.66 -8.46
N HIS B 157 8.56 6.83 -8.80
CA HIS B 157 7.93 5.96 -7.81
C HIS B 157 8.85 4.77 -7.58
N ALA B 158 8.94 4.34 -6.33
CA ALA B 158 9.78 3.20 -5.94
C ALA B 158 9.39 1.88 -6.57
N ASP B 159 8.19 1.75 -7.14
CA ASP B 159 7.85 0.46 -7.78
C ASP B 159 8.25 0.46 -9.25
N ASP B 160 8.65 1.63 -9.76
CA ASP B 160 9.09 1.77 -11.14
C ASP B 160 10.42 1.07 -11.39
N PRO B 161 10.44 0.04 -12.26
CA PRO B 161 11.70 -0.68 -12.49
C PRO B 161 12.83 0.14 -13.15
N VAL B 162 12.53 1.32 -13.70
CA VAL B 162 13.60 2.09 -14.32
C VAL B 162 14.59 2.60 -13.23
N ALA B 163 14.06 2.83 -12.04
CA ALA B 163 14.85 3.29 -10.91
C ALA B 163 15.91 2.28 -10.51
N VAL B 164 15.60 0.98 -10.44
CA VAL B 164 16.68 0.06 -10.09
C VAL B 164 17.63 -0.05 -11.28
N ASP B 165 17.11 -0.03 -12.51
CA ASP B 165 17.95 0.04 -13.72
C ASP B 165 18.87 1.25 -13.71
N LEU B 166 18.40 2.40 -13.20
CA LEU B 166 19.24 3.60 -13.11
C LEU B 166 20.45 3.32 -12.25
N VAL B 167 20.23 2.74 -11.09
CA VAL B 167 21.33 2.39 -10.18
C VAL B 167 22.29 1.36 -10.80
N LEU B 168 21.74 0.33 -11.45
CA LEU B 168 22.57 -0.74 -12.01
C LEU B 168 23.48 -0.21 -13.11
N SER B 169 22.95 0.69 -13.93
CA SER B 169 23.72 1.36 -14.98
C SER B 169 24.81 2.30 -14.40
N GLN B 170 24.58 2.92 -13.25
CA GLN B 170 25.64 3.68 -12.60
C GLN B 170 26.66 2.73 -11.99
N LEU B 171 26.23 1.51 -11.65
CA LEU B 171 27.14 0.60 -10.99
C LEU B 171 27.99 -0.20 -11.94
N LYS B 172 27.49 -0.38 -13.16
CA LYS B 172 28.24 -1.04 -14.21
C LYS B 172 29.31 -0.07 -14.73
N GLY B 173 29.07 1.21 -14.48
CA GLY B 173 30.01 2.25 -14.82
C GLY B 173 30.38 2.27 -16.29
N GLU B 174 31.69 2.42 -16.51
CA GLU B 174 32.24 2.65 -17.84
C GLU B 174 33.00 1.41 -18.35
N SER B 175 32.37 0.67 -19.26
CA SER B 175 32.99 -0.52 -19.87
C SER B 175 34.36 -0.21 -20.45
N PHE C 10 -21.55 17.17 0.20
CA PHE C 10 -22.34 16.19 -0.54
C PHE C 10 -21.54 14.91 -0.81
N PRO C 11 -21.59 13.92 0.10
CA PRO C 11 -20.78 12.71 0.03
C PRO C 11 -20.79 12.01 -1.33
N ILE C 12 -19.63 11.69 -1.89
CA ILE C 12 -19.56 10.93 -3.13
C ILE C 12 -18.62 9.79 -2.90
N VAL C 13 -19.05 8.56 -3.18
CA VAL C 13 -18.11 7.44 -3.31
C VAL C 13 -18.25 6.81 -4.68
N GLN C 14 -17.10 6.41 -5.22
CA GLN C 14 -17.02 5.81 -6.52
C GLN C 14 -16.66 4.36 -6.34
N VAL C 15 -17.20 3.52 -7.23
CA VAL C 15 -16.80 2.13 -7.35
C VAL C 15 -16.14 1.89 -8.69
N VAL C 16 -14.91 1.38 -8.70
CA VAL C 16 -14.28 1.12 -9.96
C VAL C 16 -13.70 -0.29 -9.99
N GLY C 17 -13.61 -0.82 -11.21
CA GLY C 17 -13.13 -2.16 -11.45
C GLY C 17 -13.28 -2.53 -12.93
N PHE C 18 -12.81 -3.71 -13.29
CA PHE C 18 -13.02 -4.21 -14.63
C PHE C 18 -14.36 -4.88 -14.74
N GLN C 19 -14.87 -4.92 -15.97
CA GLN C 19 -15.98 -5.79 -16.34
C GLN C 19 -15.81 -7.18 -15.70
N ASN C 20 -16.90 -7.70 -15.14
CA ASN C 20 -16.92 -9.05 -14.59
C ASN C 20 -16.04 -9.21 -13.33
N SER C 21 -15.96 -8.16 -12.54
CA SER C 21 -15.16 -8.18 -11.31
C SER C 21 -16.02 -8.08 -10.04
N GLY C 22 -17.34 -8.10 -10.22
CA GLY C 22 -18.25 -8.04 -9.08
C GLY C 22 -18.78 -6.65 -8.79
N LYS C 23 -18.49 -5.72 -9.70
CA LYS C 23 -18.96 -4.34 -9.59
C LYS C 23 -20.45 -4.25 -9.32
N THR C 24 -21.23 -4.72 -10.29
CA THR C 24 -22.67 -4.52 -10.25
C THR C 24 -23.28 -5.18 -9.00
N THR C 25 -22.82 -6.39 -8.70
CA THR C 25 -23.33 -7.12 -7.55
C THR C 25 -23.00 -6.41 -6.25
N PHE C 26 -21.78 -5.86 -6.18
CA PHE C 26 -21.32 -5.13 -5.00
C PHE C 26 -22.18 -3.91 -4.83
N ILE C 27 -22.55 -3.26 -5.93
CA ILE C 27 -23.36 -2.03 -5.86
C ILE C 27 -24.80 -2.34 -5.51
N GLU C 28 -25.36 -3.39 -6.12
CA GLU C 28 -26.72 -3.82 -5.73
C GLU C 28 -26.81 -3.92 -4.21
N ARG C 29 -25.82 -4.61 -3.63
CA ARG C 29 -25.69 -4.78 -2.18
C ARG C 29 -25.63 -3.46 -1.40
N ILE C 30 -24.83 -2.49 -1.86
CA ILE C 30 -24.75 -1.18 -1.19
C ILE C 30 -26.09 -0.49 -1.22
N LEU C 31 -26.68 -0.42 -2.41
CA LEU C 31 -28.02 0.14 -2.56
C LEU C 31 -29.05 -0.59 -1.68
N GLU C 32 -29.04 -1.92 -1.73
CA GLU C 32 -29.95 -2.71 -0.92
C GLU C 32 -29.89 -2.25 0.55
N LYS C 33 -28.68 -2.22 1.12
CA LYS C 33 -28.60 -1.86 2.53
C LYS C 33 -28.87 -0.40 2.71
N ALA C 34 -28.47 0.43 1.74
CA ALA C 34 -28.78 1.86 1.75
C ALA C 34 -30.28 2.12 1.85
N SER C 35 -31.08 1.35 1.10
CA SER C 35 -32.54 1.53 1.12
C SER C 35 -33.15 1.11 2.47
N GLU C 36 -32.60 0.06 3.08
CA GLU C 36 -32.98 -0.31 4.44
C GLU C 36 -32.81 0.82 5.45
N GLN C 37 -31.79 1.65 5.24
CA GLN C 37 -31.41 2.63 6.25
C GLN C 37 -31.94 4.01 5.89
N GLY C 38 -32.90 4.07 4.97
CA GLY C 38 -33.51 5.33 4.58
C GLY C 38 -32.48 6.40 4.25
N LEU C 39 -31.59 6.06 3.33
CA LEU C 39 -30.53 6.97 2.93
C LEU C 39 -30.67 7.20 1.43
N ASN C 40 -31.39 8.23 1.00
CA ASN C 40 -31.69 8.33 -0.44
C ASN C 40 -30.42 8.68 -1.19
N LEU C 41 -29.89 7.64 -1.80
CA LEU C 41 -28.57 7.64 -2.37
C LEU C 41 -28.71 7.48 -3.87
N GLY C 42 -28.22 8.47 -4.61
CA GLY C 42 -28.30 8.44 -6.06
C GLY C 42 -27.30 7.45 -6.60
N CYS C 43 -27.42 7.13 -7.87
CA CYS C 43 -26.50 6.21 -8.49
C CYS C 43 -26.22 6.69 -9.87
N LEU C 44 -24.94 6.71 -10.23
CA LEU C 44 -24.50 7.21 -11.51
C LEU C 44 -23.46 6.31 -12.08
N LYS C 45 -23.72 5.81 -13.27
CA LYS C 45 -22.80 4.91 -13.93
C LYS C 45 -22.27 5.60 -15.17
N HIS C 46 -20.99 5.34 -15.47
CA HIS C 46 -20.40 5.76 -16.71
C HIS C 46 -20.55 4.63 -17.71
N HIS C 47 -20.59 4.96 -19.00
CA HIS C 47 -20.65 3.96 -20.07
C HIS C 47 -19.37 4.00 -20.91
N ASP C 63 -39.08 9.47 -27.54
CA ASP C 63 -37.84 8.76 -27.26
C ASP C 63 -36.75 9.15 -28.27
N ARG C 64 -36.54 8.31 -29.28
CA ARG C 64 -35.43 8.48 -30.22
C ARG C 64 -35.79 9.33 -31.45
N TYR C 65 -37.00 9.12 -31.96
CA TYR C 65 -37.55 9.87 -33.08
C TYR C 65 -37.45 11.37 -32.76
N GLN C 66 -37.76 11.72 -31.53
CA GLN C 66 -37.79 13.11 -31.16
C GLN C 66 -36.37 13.59 -30.85
N ALA C 67 -35.48 12.68 -30.47
CA ALA C 67 -34.07 13.02 -30.29
C ALA C 67 -33.43 13.53 -31.60
N ALA C 68 -33.97 13.17 -32.76
CA ALA C 68 -33.63 13.89 -33.99
C ALA C 68 -34.31 15.28 -33.93
N GLY C 69 -33.67 16.17 -33.17
CA GLY C 69 -34.15 17.51 -32.99
C GLY C 69 -33.83 17.94 -31.56
N ALA C 70 -34.71 17.56 -30.63
CA ALA C 70 -34.65 17.96 -29.23
C ALA C 70 -33.51 17.29 -28.52
N ASP C 71 -32.78 18.06 -27.71
CA ASP C 71 -31.67 17.51 -26.95
C ASP C 71 -32.09 17.18 -25.53
N VAL C 72 -33.24 17.69 -25.09
CA VAL C 72 -33.79 17.25 -23.81
C VAL C 72 -35.18 16.66 -24.03
N THR C 73 -35.29 15.35 -23.80
CA THR C 73 -36.56 14.61 -23.98
C THR C 73 -36.87 13.66 -22.82
N ALA C 74 -38.14 13.44 -22.56
CA ALA C 74 -38.51 12.47 -21.53
C ALA C 74 -39.87 11.87 -21.80
N VAL C 75 -40.07 10.67 -21.29
CA VAL C 75 -41.38 10.06 -21.19
C VAL C 75 -41.58 9.88 -19.72
N GLU C 76 -42.81 9.82 -19.22
CA GLU C 76 -43.07 9.74 -17.78
C GLU C 76 -44.43 9.06 -17.48
N GLY C 77 -44.54 8.37 -16.35
CA GLY C 77 -45.78 7.70 -15.96
C GLY C 77 -45.65 6.79 -14.74
N ALA C 78 -46.56 6.97 -13.77
CA ALA C 78 -46.63 6.22 -12.49
C ALA C 78 -45.72 6.78 -11.40
N GLY C 79 -45.06 7.90 -11.68
CA GLY C 79 -44.13 8.49 -10.74
C GLY C 79 -42.70 8.05 -10.99
N VAL C 80 -42.44 7.59 -12.22
CA VAL C 80 -41.10 7.26 -12.72
C VAL C 80 -40.80 8.04 -14.00
N LEU C 81 -39.73 8.84 -13.99
CA LEU C 81 -39.36 9.60 -15.17
C LEU C 81 -38.16 8.95 -15.87
N GLN C 82 -38.25 8.76 -17.18
CA GLN C 82 -37.15 8.30 -18.02
C GLN C 82 -36.74 9.44 -18.95
N LEU C 83 -35.68 10.14 -18.58
CA LEU C 83 -35.25 11.38 -19.24
C LEU C 83 -33.96 11.11 -20.00
N THR C 84 -33.89 11.53 -21.25
CA THR C 84 -32.62 11.54 -21.93
C THR C 84 -32.27 12.97 -22.26
N ALA C 85 -31.00 13.34 -22.09
CA ALA C 85 -30.54 14.73 -22.23
C ALA C 85 -29.15 14.87 -22.85
N ARG C 86 -29.09 15.59 -23.98
CA ARG C 86 -27.86 15.77 -24.75
C ARG C 86 -27.16 17.07 -24.45
N ARG C 87 -26.12 17.00 -23.62
CA ARG C 87 -25.32 18.15 -23.21
C ARG C 87 -23.88 17.73 -23.20
N LEU C 88 -22.97 18.69 -23.11
CA LEU C 88 -21.62 18.34 -22.80
C LEU C 88 -21.53 18.33 -21.29
N TRP C 89 -21.66 17.10 -20.77
CA TRP C 89 -21.72 16.85 -19.34
C TRP C 89 -20.34 16.70 -18.73
N ASP C 90 -20.05 17.50 -17.72
CA ASP C 90 -18.93 17.17 -16.82
C ASP C 90 -19.50 16.60 -15.54
N LEU C 91 -18.62 16.03 -14.71
CA LEU C 91 -19.08 15.39 -13.48
C LEU C 91 -19.74 16.42 -12.58
N THR C 92 -19.15 17.60 -12.51
CA THR C 92 -19.74 18.67 -11.74
C THR C 92 -21.19 18.93 -12.13
N ARG C 93 -21.50 18.91 -13.43
CA ARG C 93 -22.85 19.30 -13.83
C ARG C 93 -23.82 18.25 -13.35
N LEU C 94 -23.39 17.00 -13.52
CA LEU C 94 -24.14 15.83 -13.11
C LEU C 94 -24.47 15.89 -11.63
N ILE C 95 -23.44 16.07 -10.82
CA ILE C 95 -23.60 16.06 -9.38
C ILE C 95 -24.67 17.06 -8.98
N GLU C 96 -24.62 18.24 -9.60
CA GLU C 96 -25.62 19.27 -9.39
C GLU C 96 -27.03 18.85 -9.78
N LEU C 97 -27.14 17.97 -10.77
CA LEU C 97 -28.45 17.45 -11.16
C LEU C 97 -28.99 16.54 -10.06
N TYR C 98 -28.17 15.65 -9.52
CA TYR C 98 -28.55 14.86 -8.36
C TYR C 98 -28.94 15.73 -7.15
N GLN C 99 -28.20 16.82 -6.92
CA GLN C 99 -28.51 17.70 -5.80
C GLN C 99 -29.85 18.33 -6.00
N PHE C 100 -30.02 18.88 -7.19
CA PHE C 100 -31.30 19.40 -7.60
C PHE C 100 -32.44 18.41 -7.45
N LEU C 101 -32.15 17.16 -7.75
CA LEU C 101 -33.11 16.09 -7.59
C LEU C 101 -33.24 15.69 -6.11
N GLU C 102 -32.50 16.36 -5.25
CA GLU C 102 -32.64 16.20 -3.81
C GLU C 102 -32.30 14.79 -3.29
N THR C 103 -31.28 14.17 -3.88
CA THR C 103 -30.57 13.07 -3.21
C THR C 103 -29.63 13.67 -2.16
N ASP C 104 -29.20 12.89 -1.20
CA ASP C 104 -28.37 13.44 -0.13
C ASP C 104 -26.91 13.07 -0.31
N CYS C 105 -26.67 12.04 -1.10
CA CYS C 105 -25.32 11.64 -1.46
C CYS C 105 -25.35 10.88 -2.77
N LEU C 106 -24.16 10.57 -3.32
CA LEU C 106 -24.06 9.90 -4.63
C LEU C 106 -23.09 8.72 -4.67
N LEU C 107 -23.52 7.62 -5.28
CA LEU C 107 -22.67 6.47 -5.61
C LEU C 107 -22.38 6.51 -7.11
N ILE C 108 -21.11 6.44 -7.48
CA ILE C 108 -20.71 6.45 -8.87
C ILE C 108 -19.98 5.18 -9.26
N GLU C 109 -20.37 4.60 -10.38
CA GLU C 109 -19.63 3.53 -11.02
C GLU C 109 -18.78 4.17 -12.13
N GLY C 110 -17.54 3.72 -12.25
CA GLY C 110 -16.63 4.26 -13.26
C GLY C 110 -16.25 5.71 -12.95
N PHE C 111 -15.96 6.46 -13.99
CA PHE C 111 -15.41 7.81 -13.82
C PHE C 111 -14.14 7.78 -12.99
N LYS C 112 -13.11 7.06 -13.44
CA LYS C 112 -11.91 6.84 -12.62
C LYS C 112 -10.93 8.03 -12.56
N LYS C 113 -11.13 9.03 -13.40
CA LYS C 113 -10.25 10.21 -13.39
C LYS C 113 -10.76 11.20 -12.35
N ALA C 114 -11.98 11.03 -11.90
CA ALA C 114 -12.51 11.95 -10.91
C ALA C 114 -11.68 11.86 -9.63
N PRO C 115 -11.70 12.93 -8.84
CA PRO C 115 -10.91 13.00 -7.61
C PRO C 115 -11.54 12.36 -6.37
N TYR C 116 -12.79 11.91 -6.42
CA TYR C 116 -13.50 11.43 -5.21
C TYR C 116 -13.01 10.10 -4.64
N PRO C 117 -13.36 9.81 -3.38
CA PRO C 117 -12.90 8.56 -2.76
C PRO C 117 -13.38 7.34 -3.51
N LYS C 118 -12.50 6.38 -3.71
CA LYS C 118 -12.67 5.30 -4.67
C LYS C 118 -12.66 3.98 -3.92
N VAL C 119 -13.63 3.13 -4.15
CA VAL C 119 -13.48 1.71 -3.82
C VAL C 119 -13.18 0.95 -5.10
N VAL C 120 -12.09 0.20 -5.09
CA VAL C 120 -11.66 -0.60 -6.22
C VAL C 120 -12.09 -2.07 -6.03
N ILE C 121 -12.71 -2.67 -7.03
CA ILE C 121 -13.04 -4.10 -6.98
C ILE C 121 -12.12 -4.85 -7.95
N LEU C 122 -11.71 -6.03 -7.52
CA LEU C 122 -10.46 -6.63 -7.94
C LEU C 122 -10.57 -8.14 -7.87
N SER C 123 -10.02 -8.82 -8.87
CA SER C 123 -9.88 -10.26 -8.77
C SER C 123 -8.47 -10.55 -8.28
N GLU C 124 -7.50 -9.84 -8.85
CA GLU C 124 -6.09 -10.11 -8.55
C GLU C 124 -5.22 -8.84 -8.30
N LYS C 125 -4.18 -9.02 -7.50
CA LYS C 125 -3.18 -7.98 -7.17
C LYS C 125 -2.86 -7.18 -8.42
N GLU C 126 -2.92 -7.92 -9.52
CA GLU C 126 -2.87 -7.45 -10.88
C GLU C 126 -3.64 -6.16 -11.18
N ASP C 127 -4.96 -6.22 -11.01
CA ASP C 127 -5.88 -5.24 -11.58
C ASP C 127 -5.60 -3.84 -11.05
N LEU C 128 -4.93 -3.77 -9.91
CA LEU C 128 -4.80 -2.51 -9.20
C LEU C 128 -4.06 -1.44 -10.02
N GLU C 129 -2.80 -1.70 -10.37
CA GLU C 129 -2.03 -0.72 -11.14
C GLU C 129 -2.64 -0.59 -12.54
N ALA C 130 -3.13 -1.69 -13.09
CA ALA C 130 -3.81 -1.66 -14.38
C ALA C 130 -4.85 -0.55 -14.38
N LEU C 131 -5.80 -0.68 -13.45
CA LEU C 131 -6.79 0.34 -13.21
C LEU C 131 -6.08 1.64 -12.94
N LYS C 132 -6.13 2.56 -13.88
CA LYS C 132 -5.36 3.78 -13.72
C LYS C 132 -6.26 4.73 -12.97
N THR C 133 -6.11 4.73 -11.65
CA THR C 133 -7.01 5.54 -10.83
C THR C 133 -6.35 6.09 -9.56
N VAL C 134 -7.04 7.06 -8.97
CA VAL C 134 -6.53 7.90 -7.88
C VAL C 134 -7.54 8.06 -6.74
N ASN C 135 -7.03 8.39 -5.55
CA ASN C 135 -7.82 8.56 -4.35
C ASN C 135 -8.62 7.28 -3.96
N THR C 136 -7.94 6.14 -4.02
CA THR C 136 -8.45 4.85 -3.53
C THR C 136 -8.43 4.70 -2.01
N ILE C 137 -9.54 4.28 -1.43
CA ILE C 137 -9.63 4.14 0.03
C ILE C 137 -9.83 2.67 0.52
N ALA C 138 -10.11 1.74 -0.38
CA ALA C 138 -10.33 0.34 0.02
C ALA C 138 -10.18 -0.61 -1.18
N ILE C 139 -9.85 -1.86 -0.91
CA ILE C 139 -9.73 -2.83 -1.97
C ILE C 139 -10.63 -3.96 -1.62
N ILE C 140 -11.45 -4.34 -2.59
CA ILE C 140 -12.34 -5.48 -2.50
C ILE C 140 -11.83 -6.58 -3.45
N TYR C 141 -11.56 -7.77 -2.93
CA TYR C 141 -11.07 -8.90 -3.73
C TYR C 141 -12.19 -9.88 -4.01
N ARG C 142 -12.55 -10.09 -5.27
CA ARG C 142 -13.57 -11.10 -5.63
C ARG C 142 -13.27 -12.46 -5.04
N LYS C 143 -12.05 -12.95 -5.31
CA LYS C 143 -11.59 -14.25 -4.83
C LYS C 143 -10.79 -14.14 -3.55
N LYS C 144 -11.28 -14.73 -2.47
CA LYS C 144 -10.57 -14.66 -1.19
C LYS C 144 -9.14 -15.16 -1.30
N GLU C 145 -8.87 -15.98 -2.31
CA GLU C 145 -7.57 -16.63 -2.45
C GLU C 145 -6.51 -15.61 -2.89
N HIS C 146 -6.98 -14.48 -3.41
CA HIS C 146 -6.11 -13.50 -4.03
C HIS C 146 -5.73 -12.34 -3.11
N MET C 147 -6.20 -12.38 -1.86
CA MET C 147 -6.04 -11.24 -0.95
C MET C 147 -4.58 -11.00 -0.58
N THR C 148 -4.11 -9.82 -0.96
CA THR C 148 -2.70 -9.46 -0.94
C THR C 148 -2.56 -8.13 -0.18
N GLU C 149 -1.53 -7.99 0.66
CA GLU C 149 -1.35 -6.76 1.42
C GLU C 149 -1.10 -5.63 0.45
N HIS C 150 -1.55 -4.45 0.82
CA HIS C 150 -1.22 -3.25 0.10
C HIS C 150 -1.02 -2.14 1.11
N GLN C 151 0.15 -1.54 1.11
CA GLN C 151 0.45 -0.50 2.08
C GLN C 151 -0.56 0.64 1.98
N GLY C 152 -1.23 0.95 3.08
CA GLY C 152 -2.07 2.13 3.11
C GLY C 152 -3.51 1.97 2.67
N LEU C 153 -3.99 0.74 2.44
CA LEU C 153 -5.43 0.55 2.37
C LEU C 153 -5.98 -0.72 3.04
N PRO C 154 -7.23 -0.64 3.55
CA PRO C 154 -7.91 -1.84 4.01
C PRO C 154 -8.30 -2.73 2.84
N ILE C 155 -8.26 -4.03 3.10
CA ILE C 155 -8.56 -5.07 2.11
C ILE C 155 -9.79 -5.85 2.57
N PHE C 156 -10.72 -6.09 1.66
CA PHE C 156 -11.92 -6.85 1.98
C PHE C 156 -12.24 -7.88 0.92
N HIS C 157 -13.16 -8.78 1.29
CA HIS C 157 -13.74 -9.78 0.42
C HIS C 157 -15.13 -9.29 0.01
N ALA C 158 -15.57 -9.57 -1.21
CA ALA C 158 -16.77 -8.93 -1.79
C ALA C 158 -18.04 -9.31 -1.08
N ASP C 159 -17.96 -10.39 -0.30
CA ASP C 159 -19.11 -10.91 0.45
C ASP C 159 -19.12 -10.36 1.86
N ASP C 160 -18.00 -9.80 2.28
CA ASP C 160 -17.84 -9.23 3.61
C ASP C 160 -18.85 -8.11 3.80
N PRO C 161 -19.75 -8.24 4.81
CA PRO C 161 -20.75 -7.18 4.95
C PRO C 161 -20.11 -5.91 5.46
N VAL C 162 -18.90 -6.02 5.97
CA VAL C 162 -18.17 -4.83 6.38
C VAL C 162 -17.89 -3.94 5.19
N ALA C 163 -17.67 -4.51 4.01
CA ALA C 163 -17.26 -3.69 2.89
C ALA C 163 -18.41 -2.81 2.47
N VAL C 164 -19.64 -3.29 2.60
CA VAL C 164 -20.75 -2.45 2.18
C VAL C 164 -20.93 -1.41 3.28
N ASP C 165 -20.63 -1.79 4.51
CA ASP C 165 -20.69 -0.86 5.63
C ASP C 165 -19.63 0.25 5.52
N LEU C 166 -18.47 -0.03 4.94
CA LEU C 166 -17.45 0.99 4.80
C LEU C 166 -17.96 2.09 3.87
N VAL C 167 -18.52 1.68 2.76
CA VAL C 167 -19.01 2.58 1.75
C VAL C 167 -20.12 3.47 2.27
N LEU C 168 -21.10 2.85 2.90
CA LEU C 168 -22.17 3.63 3.48
C LEU C 168 -21.64 4.59 4.53
N SER C 169 -20.61 4.18 5.26
CA SER C 169 -20.04 5.03 6.30
C SER C 169 -19.52 6.31 5.67
N GLN C 170 -18.89 6.16 4.51
CA GLN C 170 -18.24 7.31 3.90
C GLN C 170 -19.27 8.18 3.19
N LEU C 171 -20.43 7.60 2.93
CA LEU C 171 -21.51 8.33 2.30
C LEU C 171 -22.33 9.13 3.34
N LYS C 172 -21.74 9.30 4.54
CA LYS C 172 -22.40 9.86 5.73
C LYS C 172 -23.70 9.14 6.01
N PHE D 10 -41.95 30.89 -19.12
CA PHE D 10 -41.59 29.60 -19.68
C PHE D 10 -42.72 29.04 -20.54
N PRO D 11 -42.71 29.31 -21.84
CA PRO D 11 -43.83 28.90 -22.70
C PRO D 11 -44.01 27.39 -22.85
N ILE D 12 -45.25 26.92 -22.75
CA ILE D 12 -45.60 25.53 -22.85
C ILE D 12 -46.70 25.37 -23.87
N VAL D 13 -46.58 24.42 -24.81
CA VAL D 13 -47.70 24.06 -25.67
C VAL D 13 -47.81 22.54 -25.69
N GLN D 14 -49.03 22.03 -25.73
CA GLN D 14 -49.25 20.59 -25.71
C GLN D 14 -49.86 20.15 -27.01
N VAL D 15 -49.49 18.97 -27.46
CA VAL D 15 -50.14 18.37 -28.57
C VAL D 15 -50.99 17.18 -28.08
N VAL D 16 -52.23 17.09 -28.51
CA VAL D 16 -53.09 15.97 -28.11
C VAL D 16 -53.86 15.39 -29.30
N GLY D 17 -54.10 14.08 -29.22
CA GLY D 17 -54.61 13.29 -30.32
C GLY D 17 -54.62 11.80 -29.98
N PHE D 18 -55.44 11.01 -30.68
CA PHE D 18 -55.53 9.58 -30.42
C PHE D 18 -54.37 8.82 -31.05
N GLN D 19 -54.26 7.53 -30.80
CA GLN D 19 -53.20 6.78 -31.43
C GLN D 19 -53.38 6.85 -32.95
N ASN D 20 -52.27 7.13 -33.63
CA ASN D 20 -52.21 7.18 -35.10
C ASN D 20 -53.01 8.36 -35.68
N SER D 21 -53.16 9.42 -34.89
CA SER D 21 -53.70 10.69 -35.39
C SER D 21 -52.68 11.44 -36.21
N GLY D 22 -51.40 11.08 -36.07
CA GLY D 22 -50.33 11.79 -36.73
C GLY D 22 -49.54 12.68 -35.78
N LYS D 23 -49.68 12.43 -34.48
CA LYS D 23 -49.02 13.21 -33.43
C LYS D 23 -47.50 13.29 -33.57
N THR D 24 -46.83 12.15 -33.65
CA THR D 24 -45.38 12.20 -33.50
C THR D 24 -44.80 12.83 -34.75
N THR D 25 -45.50 12.65 -35.87
CA THR D 25 -45.10 13.25 -37.12
C THR D 25 -45.27 14.78 -37.06
N PHE D 26 -46.35 15.23 -36.45
CA PHE D 26 -46.53 16.64 -36.26
C PHE D 26 -45.41 17.17 -35.37
N ILE D 27 -45.11 16.40 -34.33
CA ILE D 27 -44.17 16.82 -33.30
C ILE D 27 -42.78 16.85 -33.82
N GLU D 28 -42.40 15.87 -34.64
CA GLU D 28 -41.04 15.85 -35.17
C GLU D 28 -40.79 17.06 -36.06
N ARG D 29 -41.83 17.45 -36.80
CA ARG D 29 -41.76 18.62 -37.63
C ARG D 29 -41.54 19.87 -36.78
N ILE D 30 -42.26 20.00 -35.67
CA ILE D 30 -42.10 21.18 -34.80
C ILE D 30 -40.68 21.23 -34.31
N LEU D 31 -40.19 20.07 -33.89
CA LEU D 31 -38.84 19.97 -33.36
C LEU D 31 -37.80 20.27 -34.43
N GLU D 32 -38.07 19.88 -35.67
CA GLU D 32 -37.13 20.10 -36.78
C GLU D 32 -36.96 21.58 -37.04
N LYS D 33 -38.05 22.30 -37.23
CA LYS D 33 -37.96 23.72 -37.45
C LYS D 33 -37.45 24.47 -36.20
N ALA D 34 -37.52 23.85 -35.03
CA ALA D 34 -37.13 24.53 -33.82
C ALA D 34 -35.62 24.51 -33.66
N SER D 35 -35.01 23.37 -33.96
CA SER D 35 -33.57 23.27 -33.86
C SER D 35 -32.96 24.24 -34.87
N GLU D 36 -33.40 24.15 -36.13
CA GLU D 36 -32.85 25.01 -37.18
C GLU D 36 -32.84 26.48 -36.79
N GLN D 37 -33.90 26.92 -36.09
CA GLN D 37 -34.00 28.29 -35.63
C GLN D 37 -33.33 28.50 -34.28
N GLY D 38 -32.43 27.60 -33.92
CA GLY D 38 -31.71 27.72 -32.66
C GLY D 38 -32.56 27.82 -31.40
N LEU D 39 -33.88 27.61 -31.53
CA LEU D 39 -34.79 27.54 -30.39
C LEU D 39 -34.51 26.28 -29.60
N ASN D 40 -34.21 26.40 -28.32
CA ASN D 40 -33.90 25.20 -27.55
C ASN D 40 -35.15 24.81 -26.77
N LEU D 41 -35.68 23.67 -27.16
CA LEU D 41 -37.07 23.32 -26.91
C LEU D 41 -37.12 21.95 -26.29
N GLY D 42 -37.69 21.86 -25.10
CA GLY D 42 -37.80 20.59 -24.40
C GLY D 42 -38.97 19.77 -24.93
N CYS D 43 -38.95 18.48 -24.70
CA CYS D 43 -40.03 17.64 -25.17
C CYS D 43 -40.37 16.62 -24.11
N LEU D 44 -41.66 16.49 -23.85
CA LEU D 44 -42.15 15.64 -22.77
C LEU D 44 -43.35 14.92 -23.30
N LYS D 45 -43.34 13.62 -23.08
CA LYS D 45 -44.37 12.73 -23.57
C LYS D 45 -44.90 12.03 -22.34
N HIS D 46 -46.21 11.94 -22.22
CA HIS D 46 -46.83 11.03 -21.28
C HIS D 46 -46.96 9.72 -22.05
N HIS D 47 -46.97 8.60 -21.35
CA HIS D 47 -47.04 7.30 -22.01
C HIS D 47 -48.40 7.10 -22.67
N ASP D 63 -27.97 -0.87 -14.61
CA ASP D 63 -29.02 0.14 -14.71
C ASP D 63 -30.39 -0.44 -14.32
N ARG D 64 -30.66 -1.67 -14.76
CA ARG D 64 -31.95 -2.29 -14.48
C ARG D 64 -32.02 -2.74 -13.02
N TYR D 65 -31.02 -3.48 -12.53
CA TYR D 65 -31.19 -4.04 -11.19
C TYR D 65 -30.64 -3.06 -10.14
N GLN D 66 -30.08 -1.94 -10.59
CA GLN D 66 -29.65 -0.90 -9.65
C GLN D 66 -30.85 -0.02 -9.23
N ALA D 67 -31.92 -0.04 -10.02
CA ALA D 67 -33.10 0.75 -9.71
C ALA D 67 -34.11 -0.06 -8.88
N ALA D 68 -33.97 -1.38 -8.91
CA ALA D 68 -34.77 -2.18 -8.00
C ALA D 68 -34.78 -1.63 -6.54
N GLY D 69 -33.62 -1.19 -6.03
CA GLY D 69 -33.54 -0.58 -4.70
C GLY D 69 -33.45 0.96 -4.72
N ALA D 70 -32.63 1.50 -5.63
CA ALA D 70 -32.44 2.95 -5.75
C ALA D 70 -33.45 3.60 -6.69
N ASP D 71 -33.73 4.86 -6.44
CA ASP D 71 -34.88 5.50 -7.07
C ASP D 71 -34.42 6.62 -8.01
N VAL D 72 -33.17 7.05 -7.86
CA VAL D 72 -32.58 7.97 -8.83
C VAL D 72 -31.29 7.37 -9.38
N THR D 73 -31.29 7.05 -10.66
CA THR D 73 -30.22 6.27 -11.25
C THR D 73 -30.05 6.72 -12.68
N ALA D 74 -28.81 6.82 -13.15
CA ALA D 74 -28.55 7.31 -14.49
C ALA D 74 -27.30 6.74 -15.09
N VAL D 75 -27.25 6.74 -16.42
CA VAL D 75 -26.08 6.30 -17.13
C VAL D 75 -25.73 7.46 -18.03
N GLU D 76 -24.44 7.74 -18.19
CA GLU D 76 -24.00 8.83 -19.05
C GLU D 76 -22.76 8.44 -19.83
N GLY D 77 -22.71 8.93 -21.07
CA GLY D 77 -21.56 8.71 -21.91
C GLY D 77 -21.77 9.33 -23.27
N ALA D 78 -20.66 9.71 -23.88
CA ALA D 78 -20.67 10.35 -25.20
C ALA D 78 -21.72 11.46 -25.30
N GLY D 79 -21.66 12.41 -24.36
CA GLY D 79 -22.52 13.59 -24.35
C GLY D 79 -24.02 13.37 -24.13
N VAL D 80 -24.43 12.17 -23.72
CA VAL D 80 -25.84 11.90 -23.50
C VAL D 80 -26.05 11.21 -22.17
N LEU D 81 -27.01 11.71 -21.42
CA LEU D 81 -27.43 11.09 -20.16
C LEU D 81 -28.79 10.44 -20.31
N GLN D 82 -28.93 9.30 -19.64
CA GLN D 82 -30.17 8.56 -19.56
C GLN D 82 -30.45 8.33 -18.09
N LEU D 83 -31.38 9.11 -17.56
CA LEU D 83 -31.66 9.12 -16.15
C LEU D 83 -33.07 8.61 -15.95
N THR D 84 -33.23 7.76 -14.94
CA THR D 84 -34.55 7.34 -14.49
C THR D 84 -34.71 7.81 -13.05
N ALA D 85 -35.85 8.41 -12.72
CA ALA D 85 -36.08 8.86 -11.36
C ALA D 85 -37.51 8.56 -10.94
N ARG D 86 -37.67 7.99 -9.75
CA ARG D 86 -39.00 7.76 -9.17
C ARG D 86 -39.30 8.78 -8.08
N ARG D 87 -40.27 9.64 -8.34
CA ARG D 87 -40.67 10.68 -7.39
C ARG D 87 -42.18 10.85 -7.38
N LEU D 88 -42.67 11.75 -6.52
CA LEU D 88 -44.04 12.24 -6.64
C LEU D 88 -44.05 13.27 -7.78
N TRP D 89 -43.90 12.78 -9.01
CA TRP D 89 -43.82 13.64 -10.17
C TRP D 89 -45.18 14.25 -10.49
N ASP D 90 -45.13 15.51 -10.90
CA ASP D 90 -46.28 16.23 -11.41
C ASP D 90 -45.76 17.23 -12.43
N LEU D 91 -46.67 17.81 -13.20
CA LEU D 91 -46.28 18.67 -14.30
C LEU D 91 -45.40 19.84 -13.83
N THR D 92 -45.76 20.44 -12.70
CA THR D 92 -45.00 21.58 -12.16
C THR D 92 -43.59 21.21 -11.67
N ARG D 93 -43.39 20.00 -11.19
CA ARG D 93 -42.06 19.59 -10.78
C ARG D 93 -41.22 19.33 -12.02
N LEU D 94 -41.80 18.56 -12.96
CA LEU D 94 -41.20 18.35 -14.26
C LEU D 94 -40.83 19.66 -14.93
N ILE D 95 -41.80 20.55 -15.05
CA ILE D 95 -41.56 21.85 -15.63
C ILE D 95 -40.33 22.50 -15.01
N GLU D 96 -40.19 22.41 -13.68
CA GLU D 96 -38.99 22.92 -13.03
C GLU D 96 -37.74 22.07 -13.36
N LEU D 97 -37.91 20.80 -13.66
CA LEU D 97 -36.77 20.01 -14.06
C LEU D 97 -36.27 20.48 -15.42
N TYR D 98 -37.18 20.78 -16.36
CA TYR D 98 -36.74 21.24 -17.68
C TYR D 98 -36.08 22.62 -17.59
N GLN D 99 -36.54 23.45 -16.65
CA GLN D 99 -35.95 24.77 -16.43
C GLN D 99 -34.53 24.64 -15.90
N PHE D 100 -34.33 23.72 -14.95
CA PHE D 100 -32.98 23.42 -14.48
C PHE D 100 -32.09 22.84 -15.58
N LEU D 101 -32.67 22.13 -16.55
CA LEU D 101 -31.84 21.59 -17.65
C LEU D 101 -31.60 22.70 -18.68
N GLU D 102 -32.11 23.89 -18.37
CA GLU D 102 -31.84 25.11 -19.10
C GLU D 102 -32.53 25.22 -20.45
N THR D 103 -33.57 24.42 -20.72
CA THR D 103 -34.35 24.57 -21.95
C THR D 103 -35.18 25.85 -21.82
N ASP D 104 -35.63 26.44 -22.93
CA ASP D 104 -36.36 27.72 -22.89
C ASP D 104 -37.86 27.59 -23.05
N CYS D 105 -38.32 26.42 -23.45
CA CYS D 105 -39.72 26.20 -23.64
C CYS D 105 -39.93 24.73 -23.68
N LEU D 106 -41.20 24.31 -23.70
CA LEU D 106 -41.56 22.90 -23.54
C LEU D 106 -42.76 22.51 -24.39
N LEU D 107 -42.56 21.47 -25.17
CA LEU D 107 -43.61 20.90 -26.01
C LEU D 107 -44.00 19.60 -25.34
N ILE D 108 -45.27 19.43 -25.04
CA ILE D 108 -45.77 18.23 -24.39
C ILE D 108 -46.60 17.36 -25.35
N GLU D 109 -46.25 16.07 -25.45
CA GLU D 109 -47.18 15.09 -26.02
C GLU D 109 -47.99 14.41 -24.88
N GLY D 110 -49.30 14.63 -24.86
CA GLY D 110 -50.13 14.07 -23.80
C GLY D 110 -50.53 15.09 -22.75
N PHE D 111 -50.92 14.58 -21.58
CA PHE D 111 -51.52 15.40 -20.52
C PHE D 111 -52.67 16.29 -21.01
N LYS D 112 -53.67 15.73 -21.69
CA LYS D 112 -54.89 16.51 -21.96
C LYS D 112 -55.48 17.06 -20.64
N LYS D 113 -55.11 16.42 -19.53
CA LYS D 113 -55.49 16.83 -18.18
C LYS D 113 -55.22 18.29 -17.80
N ALA D 114 -54.09 18.81 -18.29
CA ALA D 114 -53.42 20.00 -17.74
C ALA D 114 -53.97 21.31 -18.30
N PRO D 115 -53.62 22.45 -17.67
CA PRO D 115 -54.21 23.72 -18.08
C PRO D 115 -53.66 24.39 -19.34
N TYR D 116 -52.52 23.95 -19.87
CA TYR D 116 -51.78 24.77 -20.82
C TYR D 116 -52.36 24.79 -22.25
N PRO D 117 -52.03 25.84 -23.02
CA PRO D 117 -52.45 25.91 -24.42
C PRO D 117 -52.18 24.62 -25.18
N LYS D 118 -53.18 24.12 -25.87
CA LYS D 118 -52.97 22.90 -26.60
C LYS D 118 -53.60 22.88 -27.97
N VAL D 119 -53.06 21.97 -28.73
CA VAL D 119 -53.30 21.87 -30.13
C VAL D 119 -53.75 20.46 -30.27
N VAL D 120 -54.90 20.28 -30.92
CA VAL D 120 -55.50 18.97 -31.13
C VAL D 120 -55.32 18.43 -32.55
N ILE D 121 -54.88 17.18 -32.65
CA ILE D 121 -54.70 16.48 -33.93
C ILE D 121 -55.83 15.45 -34.14
N LEU D 122 -56.65 15.63 -35.18
CA LEU D 122 -57.85 14.83 -35.43
C LEU D 122 -57.85 14.13 -36.80
N SER D 123 -58.51 12.99 -36.90
CA SER D 123 -58.88 12.41 -38.21
C SER D 123 -60.26 12.92 -38.59
N GLU D 124 -61.16 12.82 -37.60
CA GLU D 124 -62.58 13.07 -37.77
C GLU D 124 -62.96 14.10 -36.74
N LYS D 125 -63.94 14.95 -37.06
CA LYS D 125 -64.52 15.82 -36.05
C LYS D 125 -65.17 14.96 -34.94
N GLU D 126 -65.43 13.69 -35.25
CA GLU D 126 -65.95 12.75 -34.26
C GLU D 126 -65.01 12.61 -33.05
N ASP D 127 -63.69 12.59 -33.31
CA ASP D 127 -62.68 12.36 -32.27
C ASP D 127 -62.71 13.40 -31.14
N LEU D 128 -63.02 14.65 -31.48
CA LEU D 128 -62.83 15.77 -30.57
C LEU D 128 -63.54 15.59 -29.24
N GLU D 129 -64.79 15.14 -29.30
CA GLU D 129 -65.55 14.92 -28.07
C GLU D 129 -64.96 13.75 -27.30
N ALA D 130 -64.39 12.78 -28.00
CA ALA D 130 -63.68 11.66 -27.34
C ALA D 130 -62.38 12.11 -26.67
N LEU D 131 -61.96 13.32 -26.97
CA LEU D 131 -60.79 13.94 -26.34
C LEU D 131 -61.21 14.99 -25.35
N LYS D 132 -61.43 14.62 -24.09
CA LYS D 132 -61.81 15.64 -23.12
C LYS D 132 -60.59 16.48 -22.80
N THR D 133 -60.57 17.68 -23.39
CA THR D 133 -59.41 18.56 -23.35
C THR D 133 -59.85 19.97 -22.99
N VAL D 134 -58.95 20.73 -22.37
CA VAL D 134 -59.25 22.13 -22.08
C VAL D 134 -58.20 23.04 -22.73
N ASN D 135 -58.56 24.31 -22.93
CA ASN D 135 -57.61 25.34 -23.38
C ASN D 135 -57.03 25.02 -24.78
N THR D 136 -57.89 24.49 -25.65
CA THR D 136 -57.54 24.25 -27.06
C THR D 136 -57.47 25.56 -27.80
N ILE D 137 -56.44 25.68 -28.62
CA ILE D 137 -56.17 26.92 -29.37
C ILE D 137 -56.09 26.72 -30.88
N ALA D 138 -56.05 25.48 -31.36
CA ALA D 138 -56.06 25.25 -32.81
C ALA D 138 -56.40 23.81 -33.06
N ILE D 139 -56.99 23.52 -34.22
CA ILE D 139 -57.26 22.14 -34.62
C ILE D 139 -56.53 21.69 -35.92
N ILE D 140 -55.83 20.59 -35.84
CA ILE D 140 -55.13 20.05 -36.99
C ILE D 140 -55.79 18.74 -37.45
N TYR D 141 -56.17 18.70 -38.73
CA TYR D 141 -56.68 17.50 -39.40
C TYR D 141 -55.58 16.77 -40.16
N ARG D 142 -55.63 15.43 -40.05
CA ARG D 142 -54.61 14.52 -40.55
C ARG D 142 -54.36 14.71 -42.04
N LYS D 143 -55.44 14.89 -42.77
CA LYS D 143 -55.37 15.05 -44.20
C LYS D 143 -56.47 15.99 -44.53
N LYS D 144 -56.31 16.66 -45.66
CA LYS D 144 -57.22 17.72 -46.03
C LYS D 144 -58.70 17.28 -45.95
N GLU D 145 -59.01 16.10 -46.47
CA GLU D 145 -60.39 15.67 -46.75
C GLU D 145 -61.47 16.06 -45.71
N HIS D 146 -61.14 16.01 -44.42
CA HIS D 146 -62.14 16.05 -43.36
C HIS D 146 -62.30 17.38 -42.62
N MET D 147 -61.59 18.42 -43.05
CA MET D 147 -61.72 19.72 -42.42
C MET D 147 -63.14 20.29 -42.50
N THR D 148 -63.55 20.99 -41.44
CA THR D 148 -64.82 21.73 -41.36
C THR D 148 -64.69 22.77 -40.25
N GLU D 149 -65.51 23.82 -40.25
CA GLU D 149 -65.36 24.90 -39.25
C GLU D 149 -65.64 24.43 -37.81
N HIS D 150 -64.97 25.07 -36.87
CA HIS D 150 -65.22 24.93 -35.43
C HIS D 150 -65.39 26.32 -34.84
N GLN D 151 -66.47 26.55 -34.10
CA GLN D 151 -66.68 27.84 -33.46
C GLN D 151 -65.52 28.15 -32.51
N GLY D 152 -64.95 29.34 -32.63
CA GLY D 152 -63.99 29.83 -31.67
C GLY D 152 -62.54 29.44 -31.90
N LEU D 153 -62.24 28.79 -33.04
CA LEU D 153 -60.88 28.30 -33.29
C LEU D 153 -60.46 28.28 -34.76
N PRO D 154 -59.16 28.45 -35.00
CA PRO D 154 -58.57 28.28 -36.33
C PRO D 154 -58.29 26.83 -36.63
N ILE D 155 -58.46 26.45 -37.90
CA ILE D 155 -58.29 25.06 -38.41
C ILE D 155 -57.19 24.89 -39.44
N PHE D 156 -56.45 23.78 -39.37
CA PHE D 156 -55.35 23.52 -40.31
C PHE D 156 -55.29 22.08 -40.80
N HIS D 157 -54.68 21.81 -41.95
CA HIS D 157 -54.33 20.42 -42.24
C HIS D 157 -52.88 20.19 -41.80
N ALA D 158 -52.58 18.96 -41.40
CA ALA D 158 -51.31 18.68 -40.72
C ALA D 158 -50.05 18.92 -41.57
N ASP D 159 -50.20 19.05 -42.88
CA ASP D 159 -49.06 19.26 -43.78
C ASP D 159 -48.89 20.74 -44.15
N ASP D 160 -49.88 21.55 -43.78
CA ASP D 160 -49.81 23.01 -43.83
C ASP D 160 -48.68 23.49 -42.90
N PRO D 161 -47.61 24.06 -43.47
CA PRO D 161 -46.52 24.47 -42.59
C PRO D 161 -46.88 25.61 -41.60
N VAL D 162 -47.88 26.42 -41.93
CA VAL D 162 -48.37 27.42 -40.98
C VAL D 162 -48.74 26.78 -39.63
N ALA D 163 -49.10 25.50 -39.65
CA ALA D 163 -49.56 24.84 -38.43
C ALA D 163 -48.38 24.63 -37.48
N VAL D 164 -47.22 24.29 -38.02
CA VAL D 164 -46.07 24.17 -37.12
C VAL D 164 -45.66 25.57 -36.68
N ASP D 165 -45.88 26.55 -37.55
CA ASP D 165 -45.49 27.93 -37.21
C ASP D 165 -46.30 28.52 -36.08
N LEU D 166 -47.57 28.17 -36.03
CA LEU D 166 -48.45 28.66 -35.01
C LEU D 166 -47.94 28.15 -33.66
N VAL D 167 -47.64 26.88 -33.59
CA VAL D 167 -47.16 26.31 -32.35
C VAL D 167 -45.84 26.99 -31.93
N LEU D 168 -44.92 27.13 -32.86
CA LEU D 168 -43.66 27.77 -32.55
C LEU D 168 -43.82 29.24 -32.07
N SER D 169 -44.76 30.02 -32.61
CA SER D 169 -44.94 31.37 -32.13
C SER D 169 -45.50 31.37 -30.69
N GLN D 170 -46.17 30.29 -30.29
CA GLN D 170 -46.73 30.25 -28.94
C GLN D 170 -45.66 29.78 -27.98
N LEU D 171 -44.64 29.15 -28.54
CA LEU D 171 -43.47 28.80 -27.75
C LEU D 171 -42.53 30.02 -27.66
N LYS D 172 -42.98 31.15 -28.19
CA LYS D 172 -42.22 32.39 -28.17
C LYS D 172 -40.92 32.22 -28.94
N PHE E 10 55.09 -11.01 11.26
CA PHE E 10 53.75 -11.54 11.48
C PHE E 10 53.78 -12.94 12.12
N PRO E 11 53.94 -13.00 13.44
CA PRO E 11 54.06 -14.33 14.03
C PRO E 11 52.76 -15.06 13.86
N ILE E 12 52.81 -16.32 13.45
CA ILE E 12 51.62 -17.12 13.35
C ILE E 12 51.80 -18.37 14.20
N VAL E 13 50.80 -18.68 15.01
CA VAL E 13 50.80 -19.93 15.72
C VAL E 13 49.44 -20.60 15.48
N GLN E 14 49.43 -21.89 15.17
CA GLN E 14 48.18 -22.63 15.07
C GLN E 14 47.98 -23.55 16.27
N VAL E 15 46.72 -23.81 16.60
CA VAL E 15 46.38 -24.85 17.55
C VAL E 15 45.50 -25.85 16.84
N VAL E 16 45.96 -27.10 16.75
CA VAL E 16 45.18 -28.14 16.08
C VAL E 16 44.79 -29.26 17.05
N GLY E 17 43.84 -30.11 16.63
CA GLY E 17 43.26 -31.13 17.48
C GLY E 17 41.87 -31.55 17.01
N PHE E 18 41.35 -32.64 17.55
CA PHE E 18 40.07 -33.18 17.10
C PHE E 18 38.93 -32.62 17.93
N GLN E 19 37.70 -32.80 17.45
CA GLN E 19 36.54 -32.22 18.13
C GLN E 19 36.53 -32.57 19.61
N ASN E 20 36.42 -31.53 20.43
CA ASN E 20 36.30 -31.70 21.88
C ASN E 20 37.56 -32.35 22.48
N SER E 21 38.70 -31.70 22.23
CA SER E 21 39.97 -32.00 22.91
C SER E 21 40.31 -30.88 23.90
N GLY E 22 39.50 -29.82 23.88
CA GLY E 22 39.68 -28.65 24.73
C GLY E 22 40.10 -27.41 23.96
N LYS E 23 40.28 -27.54 22.65
CA LYS E 23 40.81 -26.47 21.79
C LYS E 23 40.27 -25.06 22.03
N THR E 24 38.96 -24.92 22.15
CA THR E 24 38.42 -23.56 22.14
C THR E 24 38.29 -23.11 23.56
N THR E 25 38.66 -24.00 24.47
CA THR E 25 38.81 -23.61 25.85
C THR E 25 40.24 -23.15 26.01
N PHE E 26 41.15 -23.79 25.27
CA PHE E 26 42.54 -23.36 25.22
C PHE E 26 42.65 -22.01 24.52
N ILE E 27 42.10 -21.91 23.31
CA ILE E 27 42.21 -20.68 22.54
C ILE E 27 41.52 -19.56 23.31
N GLU E 28 40.42 -19.92 23.97
CA GLU E 28 39.74 -19.00 24.90
C GLU E 28 40.71 -18.28 25.86
N ARG E 29 41.43 -19.07 26.65
CA ARG E 29 42.41 -18.57 27.63
C ARG E 29 43.50 -17.71 27.03
N ILE E 30 44.02 -18.16 25.89
CA ILE E 30 45.07 -17.44 25.16
C ILE E 30 44.57 -16.06 24.76
N LEU E 31 43.38 -16.00 24.17
CA LEU E 31 42.77 -14.72 23.88
C LEU E 31 42.55 -13.86 25.13
N GLU E 32 42.07 -14.44 26.22
CA GLU E 32 41.91 -13.66 27.47
C GLU E 32 43.23 -13.08 27.99
N LYS E 33 44.30 -13.86 27.93
CA LYS E 33 45.59 -13.40 28.41
C LYS E 33 46.18 -12.32 27.48
N ALA E 34 46.09 -12.52 26.17
CA ALA E 34 46.45 -11.52 25.17
C ALA E 34 45.79 -10.15 25.37
N SER E 35 44.58 -10.16 25.88
CA SER E 35 43.82 -8.93 26.08
C SER E 35 44.39 -8.06 27.20
N GLU E 36 44.55 -8.67 28.37
CA GLU E 36 45.03 -7.95 29.52
C GLU E 36 46.50 -7.61 29.37
N GLN E 37 47.19 -8.25 28.41
CA GLN E 37 48.56 -7.88 28.04
C GLN E 37 48.61 -6.84 26.91
N GLY E 38 47.45 -6.29 26.55
CA GLY E 38 47.36 -5.28 25.52
C GLY E 38 48.02 -5.68 24.22
N LEU E 39 47.59 -6.81 23.67
CA LEU E 39 48.11 -7.34 22.41
C LEU E 39 46.99 -7.52 21.39
N ASN E 40 47.21 -7.04 20.16
CA ASN E 40 46.17 -7.12 19.13
C ASN E 40 46.40 -8.36 18.29
N LEU E 41 45.96 -9.47 18.87
CA LEU E 41 46.06 -10.78 18.28
C LEU E 41 44.83 -11.03 17.45
N GLY E 42 45.04 -11.36 16.18
CA GLY E 42 43.96 -11.85 15.34
C GLY E 42 43.62 -13.30 15.68
N CYS E 43 42.38 -13.71 15.41
CA CYS E 43 41.98 -15.12 15.51
C CYS E 43 41.24 -15.60 14.26
N LEU E 44 41.69 -16.71 13.71
CA LEU E 44 41.06 -17.35 12.56
C LEU E 44 40.76 -18.83 12.87
N LYS E 45 39.51 -19.22 12.68
CA LYS E 45 39.07 -20.58 12.94
C LYS E 45 38.69 -21.28 11.65
N HIS E 46 39.36 -22.38 11.30
CA HIS E 46 38.90 -23.17 10.15
C HIS E 46 37.63 -23.92 10.52
N HIS E 47 36.73 -24.10 9.56
CA HIS E 47 35.43 -24.79 9.76
C HIS E 47 35.34 -26.00 8.84
N ASP E 63 21.37 -10.62 5.86
CA ASP E 63 21.26 -11.89 5.15
C ASP E 63 20.13 -11.82 4.13
N ARG E 64 19.20 -10.89 4.36
CA ARG E 64 18.31 -10.48 3.29
C ARG E 64 19.13 -10.14 2.05
N TYR E 65 20.21 -9.37 2.22
CA TYR E 65 21.09 -9.00 1.09
C TYR E 65 21.92 -10.17 0.60
N GLN E 66 22.29 -11.10 1.50
CA GLN E 66 22.99 -12.32 1.05
C GLN E 66 22.01 -13.18 0.28
N ALA E 67 20.78 -13.22 0.80
CA ALA E 67 19.71 -13.97 0.16
C ALA E 67 19.49 -13.50 -1.28
N ALA E 68 19.44 -12.19 -1.51
CA ALA E 68 19.20 -11.68 -2.86
C ALA E 68 20.43 -11.78 -3.75
N GLY E 69 21.55 -12.31 -3.25
CA GLY E 69 22.68 -12.65 -4.09
C GLY E 69 23.92 -11.74 -4.07
N ALA E 70 23.97 -10.79 -3.15
CA ALA E 70 25.23 -10.04 -2.97
C ALA E 70 26.30 -11.03 -2.56
N ASP E 71 27.54 -10.78 -2.98
CA ASP E 71 28.65 -11.68 -2.65
C ASP E 71 29.36 -11.24 -1.37
N VAL E 72 29.80 -9.98 -1.34
CA VAL E 72 30.40 -9.39 -0.15
C VAL E 72 29.42 -8.37 0.42
N THR E 73 28.96 -8.64 1.63
CA THR E 73 28.07 -7.74 2.34
C THR E 73 28.57 -7.51 3.75
N ALA E 74 28.31 -6.33 4.29
CA ALA E 74 28.68 -6.06 5.66
C ALA E 74 27.80 -5.01 6.29
N VAL E 75 27.85 -5.00 7.62
CA VAL E 75 27.15 -4.03 8.44
C VAL E 75 28.19 -3.42 9.37
N GLU E 76 28.30 -2.09 9.37
CA GLU E 76 29.26 -1.45 10.24
C GLU E 76 28.58 -0.42 11.09
N GLY E 77 29.05 -0.26 12.31
CA GLY E 77 28.53 0.78 13.19
C GLY E 77 29.14 0.68 14.57
N ALA E 78 29.40 1.84 15.17
CA ALA E 78 29.96 1.89 16.52
C ALA E 78 31.30 1.13 16.59
N GLY E 79 32.13 1.34 15.58
CA GLY E 79 33.47 0.75 15.54
C GLY E 79 33.59 -0.76 15.43
N VAL E 80 32.52 -1.45 15.05
CA VAL E 80 32.60 -2.88 14.86
C VAL E 80 32.02 -3.22 13.51
N LEU E 81 32.78 -4.00 12.76
CA LEU E 81 32.39 -4.37 11.42
C LEU E 81 31.97 -5.81 11.52
N GLN E 82 30.94 -6.18 10.75
CA GLN E 82 30.51 -7.58 10.60
C GLN E 82 30.30 -7.90 9.13
N LEU E 83 31.05 -8.87 8.66
CA LEU E 83 31.29 -9.05 7.25
C LEU E 83 31.22 -10.51 6.84
N THR E 84 30.49 -10.76 5.76
CA THR E 84 30.45 -12.07 5.11
C THR E 84 30.92 -11.97 3.68
N ALA E 85 31.85 -12.83 3.30
CA ALA E 85 32.41 -12.77 1.97
C ALA E 85 32.68 -14.16 1.36
N ARG E 86 31.91 -14.52 0.33
CA ARG E 86 32.10 -15.77 -0.44
C ARG E 86 33.21 -15.65 -1.49
N ARG E 87 34.25 -16.46 -1.36
CA ARG E 87 35.41 -16.46 -2.26
C ARG E 87 36.04 -17.86 -2.27
N LEU E 88 37.06 -18.04 -3.11
CA LEU E 88 37.94 -19.20 -3.02
C LEU E 88 39.10 -18.82 -2.10
N TRP E 89 38.82 -18.85 -0.80
CA TRP E 89 39.83 -18.54 0.20
C TRP E 89 40.84 -19.66 0.34
N ASP E 90 42.11 -19.32 0.47
CA ASP E 90 43.02 -20.23 1.13
C ASP E 90 43.77 -19.41 2.17
N LEU E 91 44.61 -20.11 2.91
CA LEU E 91 45.23 -19.61 4.12
C LEU E 91 45.99 -18.32 3.87
N THR E 92 46.84 -18.34 2.86
CA THR E 92 47.75 -17.23 2.60
C THR E 92 46.99 -15.95 2.25
N ARG E 93 45.92 -16.10 1.46
CA ARG E 93 45.02 -15.00 1.19
C ARG E 93 44.37 -14.48 2.49
N LEU E 94 43.83 -15.40 3.29
CA LEU E 94 43.26 -15.05 4.58
C LEU E 94 44.30 -14.32 5.44
N ILE E 95 45.54 -14.77 5.41
CA ILE E 95 46.58 -14.17 6.24
C ILE E 95 46.81 -12.72 5.83
N GLU E 96 46.83 -12.48 4.54
CA GLU E 96 46.94 -11.12 4.02
C GLU E 96 45.80 -10.22 4.52
N LEU E 97 44.59 -10.76 4.55
CA LEU E 97 43.45 -10.07 5.17
C LEU E 97 43.77 -9.55 6.57
N TYR E 98 44.41 -10.38 7.38
CA TYR E 98 44.69 -10.01 8.77
C TYR E 98 45.76 -8.95 8.81
N GLN E 99 46.70 -9.07 7.90
CA GLN E 99 47.71 -8.04 7.67
C GLN E 99 47.13 -6.70 7.22
N PHE E 100 46.25 -6.72 6.22
CA PHE E 100 45.54 -5.50 5.80
C PHE E 100 44.73 -4.84 6.96
N LEU E 101 44.05 -5.65 7.75
CA LEU E 101 43.32 -5.13 8.92
C LEU E 101 44.24 -4.76 10.10
N GLU E 102 45.55 -4.77 9.86
CA GLU E 102 46.49 -4.18 10.83
C GLU E 102 46.48 -4.88 12.19
N THR E 103 46.52 -6.20 12.17
CA THR E 103 46.81 -6.96 13.37
C THR E 103 48.29 -7.28 13.33
N ASP E 104 48.89 -7.43 14.50
CA ASP E 104 50.35 -7.63 14.55
C ASP E 104 50.75 -9.09 14.66
N CYS E 105 49.79 -9.98 14.91
CA CYS E 105 50.05 -11.42 14.92
C CYS E 105 48.75 -12.22 14.84
N LEU E 106 48.87 -13.54 14.69
CA LEU E 106 47.74 -14.36 14.34
C LEU E 106 47.73 -15.79 14.91
N LEU E 107 46.65 -16.11 15.63
CA LEU E 107 46.36 -17.47 16.14
C LEU E 107 45.38 -18.22 15.21
N ILE E 108 45.77 -19.37 14.72
CA ILE E 108 44.89 -20.12 13.84
C ILE E 108 44.40 -21.40 14.53
N GLU E 109 43.09 -21.56 14.58
CA GLU E 109 42.49 -22.83 14.89
C GLU E 109 42.33 -23.59 13.58
N GLY E 110 43.13 -24.62 13.39
CA GLY E 110 42.95 -25.54 12.28
C GLY E 110 43.98 -25.35 11.20
N PHE E 111 43.56 -25.64 9.97
CA PHE E 111 44.45 -25.66 8.81
C PHE E 111 45.71 -26.54 9.04
N LYS E 112 45.48 -27.76 9.51
CA LYS E 112 46.54 -28.66 9.98
C LYS E 112 47.58 -29.01 8.94
N LYS E 113 47.25 -28.76 7.67
CA LYS E 113 48.21 -28.99 6.57
C LYS E 113 49.24 -27.85 6.46
N ALA E 114 48.98 -26.77 7.18
CA ALA E 114 49.67 -25.51 6.98
C ALA E 114 51.08 -25.56 7.53
N PRO E 115 51.95 -24.62 7.08
CA PRO E 115 53.37 -24.67 7.40
C PRO E 115 53.77 -24.02 8.71
N TYR E 116 52.83 -23.44 9.43
CA TYR E 116 53.20 -22.53 10.53
C TYR E 116 53.42 -23.27 11.87
N PRO E 117 54.18 -22.65 12.78
CA PRO E 117 54.45 -23.26 14.09
C PRO E 117 53.15 -23.61 14.78
N LYS E 118 53.04 -24.80 15.38
CA LYS E 118 51.76 -25.26 15.90
C LYS E 118 51.82 -26.11 17.16
N VAL E 119 50.76 -26.03 17.94
CA VAL E 119 50.50 -26.85 19.11
C VAL E 119 49.45 -27.90 18.80
N VAL E 120 49.67 -29.15 19.21
CA VAL E 120 48.62 -30.17 19.12
C VAL E 120 48.08 -30.56 20.48
N ILE E 121 46.76 -30.46 20.64
CA ILE E 121 46.06 -30.92 21.83
C ILE E 121 45.59 -32.35 21.54
N LEU E 122 45.45 -33.17 22.57
CA LEU E 122 45.20 -34.60 22.37
C LEU E 122 44.02 -35.14 23.21
N SER E 123 43.26 -36.07 22.63
CA SER E 123 42.27 -36.83 23.37
C SER E 123 42.97 -38.01 24.06
N GLU E 124 44.03 -38.49 23.42
CA GLU E 124 44.91 -39.55 23.92
C GLU E 124 46.10 -39.65 22.94
N LYS E 125 47.03 -40.57 23.15
CA LYS E 125 48.23 -40.64 22.31
C LYS E 125 47.95 -41.06 20.87
N GLU E 126 46.87 -41.81 20.65
CA GLU E 126 46.57 -42.30 19.30
C GLU E 126 46.38 -41.13 18.32
N ASP E 127 46.03 -39.96 18.85
CA ASP E 127 45.76 -38.78 18.02
C ASP E 127 47.02 -38.33 17.27
N LEU E 128 48.20 -38.61 17.81
CA LEU E 128 49.45 -38.09 17.25
C LEU E 128 49.77 -38.57 15.83
N GLU E 129 49.61 -39.85 15.58
CA GLU E 129 49.89 -40.37 14.25
C GLU E 129 48.79 -39.91 13.29
N ALA E 130 47.53 -40.02 13.75
CA ALA E 130 46.36 -39.57 12.99
C ALA E 130 46.57 -38.19 12.41
N LEU E 131 47.18 -37.33 13.21
CA LEU E 131 47.65 -36.02 12.78
C LEU E 131 48.95 -36.16 11.99
N LYS E 132 48.95 -35.65 10.76
CA LYS E 132 50.12 -35.70 9.87
C LYS E 132 50.58 -34.29 9.57
N THR E 133 51.33 -33.70 10.49
CA THR E 133 51.60 -32.27 10.42
C THR E 133 53.06 -31.83 10.63
N VAL E 134 53.33 -30.67 10.06
CA VAL E 134 54.63 -30.03 10.00
C VAL E 134 54.76 -28.91 11.04
N ASN E 135 55.92 -28.86 11.68
CA ASN E 135 56.31 -27.71 12.50
C ASN E 135 55.62 -27.65 13.86
N THR E 136 55.43 -28.83 14.47
CA THR E 136 54.90 -28.93 15.81
C THR E 136 55.92 -28.37 16.77
N ILE E 137 55.46 -27.63 17.78
CA ILE E 137 56.38 -27.08 18.79
C ILE E 137 56.03 -27.48 20.20
N ALA E 138 54.84 -28.03 20.43
CA ALA E 138 54.53 -28.51 21.77
C ALA E 138 53.35 -29.46 21.78
N ILE E 139 53.41 -30.52 22.57
CA ILE E 139 52.22 -31.37 22.68
C ILE E 139 51.50 -31.05 23.97
N ILE E 140 50.17 -31.00 23.90
CA ILE E 140 49.34 -30.75 25.05
C ILE E 140 48.33 -31.86 25.27
N TYR E 141 48.49 -32.63 26.33
CA TYR E 141 47.57 -33.72 26.60
C TYR E 141 46.39 -33.22 27.44
N ARG E 142 45.21 -33.78 27.15
CA ARG E 142 43.97 -33.35 27.79
C ARG E 142 43.91 -33.79 29.25
N LYS E 143 44.41 -34.99 29.54
CA LYS E 143 44.62 -35.38 30.95
C LYS E 143 45.90 -36.17 31.19
N LYS E 144 46.44 -35.95 32.38
CA LYS E 144 47.78 -36.40 32.75
C LYS E 144 48.14 -37.84 32.38
N GLU E 145 47.19 -38.74 32.51
CA GLU E 145 47.52 -40.16 32.49
C GLU E 145 48.11 -40.60 31.14
N HIS E 146 47.95 -39.78 30.10
CA HIS E 146 48.40 -40.14 28.75
C HIS E 146 49.78 -39.58 28.41
N MET E 147 50.28 -38.68 29.26
CA MET E 147 51.54 -37.98 29.03
C MET E 147 52.77 -38.90 28.89
N THR E 148 53.67 -38.53 27.99
CA THR E 148 54.83 -39.34 27.68
C THR E 148 55.93 -38.48 27.06
N GLU E 149 57.18 -38.92 27.15
CA GLU E 149 58.27 -38.25 26.46
C GLU E 149 57.91 -38.19 24.99
N HIS E 150 58.36 -37.16 24.30
CA HIS E 150 58.32 -37.19 22.86
C HIS E 150 59.53 -36.46 22.32
N GLN E 151 60.38 -37.20 21.61
CA GLN E 151 61.69 -36.74 21.21
C GLN E 151 61.66 -35.35 20.58
N GLY E 152 62.36 -34.40 21.21
CA GLY E 152 62.50 -33.05 20.67
C GLY E 152 61.34 -32.07 20.86
N LEU E 153 60.28 -32.49 21.54
CA LEU E 153 59.16 -31.59 21.83
C LEU E 153 58.86 -31.46 23.32
N PRO E 154 58.67 -30.22 23.81
CA PRO E 154 58.20 -30.02 25.19
C PRO E 154 56.76 -30.47 25.38
N ILE E 155 56.42 -31.00 26.55
CA ILE E 155 55.08 -31.54 26.83
C ILE E 155 54.36 -30.91 28.02
N PHE E 156 53.11 -30.55 27.78
CA PHE E 156 52.28 -29.91 28.78
C PHE E 156 50.97 -30.63 28.88
N HIS E 157 50.15 -30.16 29.83
CA HIS E 157 48.83 -30.72 30.02
C HIS E 157 47.86 -29.55 30.03
N ALA E 158 46.71 -29.75 29.37
CA ALA E 158 45.89 -28.65 28.87
C ALA E 158 45.54 -27.56 29.90
N ASP E 159 45.59 -27.89 31.18
CA ASP E 159 45.25 -26.93 32.23
C ASP E 159 46.46 -26.09 32.70
N ASP E 160 47.66 -26.38 32.17
CA ASP E 160 48.87 -25.69 32.61
C ASP E 160 49.01 -24.29 31.97
N PRO E 161 49.07 -23.24 32.79
CA PRO E 161 49.18 -21.89 32.21
C PRO E 161 50.43 -21.62 31.39
N VAL E 162 51.46 -22.45 31.51
CA VAL E 162 52.68 -22.23 30.74
C VAL E 162 52.38 -22.51 29.28
N ALA E 163 51.49 -23.46 29.04
CA ALA E 163 51.06 -23.77 27.69
C ALA E 163 50.49 -22.54 26.99
N VAL E 164 49.55 -21.85 27.62
CA VAL E 164 49.06 -20.62 26.99
C VAL E 164 50.23 -19.62 26.98
N ASP E 165 51.05 -19.58 28.05
CA ASP E 165 52.21 -18.67 28.09
C ASP E 165 53.24 -18.97 27.03
N LEU E 166 53.43 -20.24 26.66
CA LEU E 166 54.37 -20.53 25.58
C LEU E 166 53.82 -20.01 24.25
N VAL E 167 52.53 -20.12 24.01
CA VAL E 167 51.96 -19.65 22.76
C VAL E 167 52.09 -18.14 22.59
N LEU E 168 51.75 -17.42 23.65
CA LEU E 168 51.80 -15.97 23.59
C LEU E 168 53.20 -15.44 23.27
N SER E 169 54.22 -16.06 23.83
CA SER E 169 55.60 -15.61 23.64
C SER E 169 56.03 -15.85 22.22
N GLN E 170 55.53 -16.93 21.61
CA GLN E 170 55.75 -17.21 20.20
C GLN E 170 55.01 -16.24 19.30
N LEU E 171 53.96 -15.63 19.84
CA LEU E 171 53.13 -14.66 19.10
C LEU E 171 53.62 -13.24 19.29
N LYS E 172 54.24 -12.98 20.44
CA LYS E 172 54.92 -11.70 20.68
C LYS E 172 56.29 -11.73 20.02
N GLY E 173 56.47 -10.97 18.94
CA GLY E 173 57.79 -10.83 18.35
C GLY E 173 58.73 -10.27 19.41
N GLU E 174 58.53 -8.98 19.70
CA GLU E 174 59.23 -8.30 20.79
C GLU E 174 58.33 -8.26 22.02
#